data_2Q2Y
#
_entry.id   2Q2Y
#
_cell.length_a   68.860
_cell.length_b   79.800
_cell.length_c   159.570
_cell.angle_alpha   90.00
_cell.angle_beta   90.00
_cell.angle_gamma   90.00
#
_symmetry.space_group_name_H-M   'P 21 21 21'
#
loop_
_entity.id
_entity.type
_entity.pdbx_description
1 polymer 'Kinesin-like protein KIF11'
2 non-polymer 'MAGNESIUM ION'
3 non-polymer "ADENOSINE-5'-DIPHOSPHATE"
4 non-polymer 1-{(3R,3AR)-3-[3-(4-ACETYLPIPERAZIN-1-YL)PROPYL]-8-FLUORO-3-PHENYL-3A,4-DIHYDRO-3H-PYRAZOLO[5,1-C][1,4]BENZOXAZIN-2-YL}ETHANONE
5 water water
#
_entity_poly.entity_id   1
_entity_poly.type   'polypeptide(L)'
_entity_poly.pdbx_seq_one_letter_code
;ASQPNSSAKKKEEKGKNIQVVVRCRPFNLAERKASAHSIVECDPVRKEVSVRTGGLADKSSRKTYTFDMVFGASTKQIDV
YRSVVCPILDEVIMGYNCTIFAYGQTGTGKTFTMEGERSPNEEYTWEEDPLAGIIPRTLHQIFEKLTDNGTEFSVKVSLL
EIYNEELFDLLNPSSDVSERLQMFDDPRNKRGVIIKGLEEITVHNKDEVYQILEKGAAKRTTAATLMNAYSSRSHSVFSV
TIHMKETTIDGEELVKIGKLNLVDLAGSENIGRSGAVDKRAREAGNINQSLLTLGRVITALVERTPHVPYRESKLTRILQ
DSLGGRTRTSIIATISPASLNLEETLSTLEYAHRAKNILNKPEVNQK
;
_entity_poly.pdbx_strand_id   A,B
#
loop_
_chem_comp.id
_chem_comp.type
_chem_comp.name
_chem_comp.formula
ADP non-polymer ADENOSINE-5'-DIPHOSPHATE 'C10 H15 N5 O10 P2'
MG non-polymer 'MAGNESIUM ION' 'Mg 2'
MKR non-polymer 1-{(3R,3AR)-3-[3-(4-ACETYLPIPERAZIN-1-YL)PROPYL]-8-FLUORO-3-PHENYL-3A,4-DIHYDRO-3H-PYRAZOLO[5,1-C][1,4]BENZOXAZIN-2-YL}ETHANONE 'C27 H31 F N4 O3'
#
# COMPACT_ATOMS: atom_id res chain seq x y z
N ASN A 17 -23.10 5.89 11.02
CA ASN A 17 -22.51 5.50 12.31
C ASN A 17 -21.21 6.19 12.82
N ILE A 18 -20.12 6.22 12.04
CA ILE A 18 -18.93 6.95 12.50
C ILE A 18 -19.20 8.46 12.43
N GLN A 19 -19.08 9.16 13.57
CA GLN A 19 -19.30 10.63 13.62
C GLN A 19 -18.08 11.43 13.23
N VAL A 20 -18.30 12.42 12.35
CA VAL A 20 -17.22 13.26 11.85
C VAL A 20 -17.47 14.74 12.09
N VAL A 21 -16.54 15.41 12.74
CA VAL A 21 -16.68 16.84 12.98
C VAL A 21 -15.52 17.55 12.31
N VAL A 22 -15.73 18.80 11.93
CA VAL A 22 -14.67 19.58 11.30
C VAL A 22 -14.34 20.76 12.17
N ARG A 23 -13.06 20.95 12.48
CA ARG A 23 -12.68 22.10 13.29
C ARG A 23 -11.86 22.99 12.40
N CYS A 24 -12.21 24.27 12.32
CA CYS A 24 -11.41 25.19 11.53
C CYS A 24 -10.71 26.21 12.43
N ARG A 25 -9.42 26.37 12.22
CA ARG A 25 -8.63 27.24 13.07
C ARG A 25 -8.57 28.65 12.53
N PRO A 26 -8.32 29.63 13.40
CA PRO A 26 -8.19 31.01 12.93
C PRO A 26 -6.87 31.25 12.22
N PHE A 27 -6.88 32.23 11.33
CA PHE A 27 -5.69 32.71 10.61
C PHE A 27 -4.53 32.89 11.56
N ASN A 28 -3.40 32.28 11.25
CA ASN A 28 -2.25 32.42 12.13
C ASN A 28 -1.60 33.79 11.95
N LEU A 29 -1.01 34.31 13.03
CA LEU A 29 -0.33 35.62 12.99
C LEU A 29 0.49 35.85 11.69
N ALA A 30 0.81 34.75 11.00
CA ALA A 30 1.57 34.80 9.75
C ALA A 30 0.63 35.27 8.65
N GLU A 31 -0.62 34.84 8.74
CA GLU A 31 -1.65 35.20 7.79
C GLU A 31 -2.45 36.40 8.34
N ARG A 32 -2.24 36.72 9.61
CA ARG A 32 -2.93 37.86 10.24
C ARG A 32 -2.37 39.17 9.66
N LYS A 33 -1.10 39.45 9.99
CA LYS A 33 -0.41 40.64 9.52
C LYS A 33 -0.34 40.71 7.99
N ALA A 34 -0.22 39.53 7.36
CA ALA A 34 -0.19 39.43 5.90
C ALA A 34 -1.56 39.79 5.32
N SER A 35 -2.51 40.10 6.22
CA SER A 35 -3.90 40.45 5.89
C SER A 35 -4.45 39.73 4.64
N ALA A 36 -4.75 38.45 4.80
CA ALA A 36 -5.22 37.63 3.69
C ALA A 36 -6.72 37.36 3.65
N HIS A 37 -7.10 36.45 2.75
CA HIS A 37 -8.49 36.11 2.57
C HIS A 37 -8.87 34.68 2.93
N SER A 38 -9.92 34.57 3.74
CA SER A 38 -10.44 33.27 4.13
C SER A 38 -11.13 32.72 2.91
N ILE A 39 -10.93 31.45 2.62
CA ILE A 39 -11.58 30.81 1.51
C ILE A 39 -12.52 29.79 2.13
N VAL A 40 -12.48 29.70 3.45
CA VAL A 40 -13.33 28.79 4.20
C VAL A 40 -14.29 29.52 5.14
N GLU A 41 -15.56 29.14 5.10
CA GLU A 41 -16.54 29.64 6.04
C GLU A 41 -17.25 28.45 6.71
N CYS A 42 -17.21 28.41 8.04
CA CYS A 42 -17.85 27.34 8.81
C CYS A 42 -19.17 27.76 9.47
N ASP A 43 -20.27 27.12 9.08
CA ASP A 43 -21.57 27.44 9.66
C ASP A 43 -22.00 26.42 10.73
N PRO A 44 -21.75 26.71 12.02
CA PRO A 44 -22.11 25.78 13.10
C PRO A 44 -23.60 25.43 13.18
N VAL A 45 -24.45 26.41 12.88
CA VAL A 45 -25.89 26.13 12.91
C VAL A 45 -26.33 25.24 11.75
N ARG A 46 -25.61 25.33 10.64
CA ARG A 46 -25.93 24.48 9.51
C ARG A 46 -25.10 23.18 9.44
N LYS A 47 -24.17 23.01 10.37
CA LYS A 47 -23.29 21.86 10.39
C LYS A 47 -22.69 21.77 9.01
N GLU A 48 -22.23 22.89 8.48
CA GLU A 48 -21.74 22.89 7.13
C GLU A 48 -20.50 23.74 6.90
N VAL A 49 -19.60 23.25 6.06
CA VAL A 49 -18.40 24.00 5.73
C VAL A 49 -18.39 24.25 4.25
N SER A 50 -17.97 25.47 3.88
CA SER A 50 -17.97 25.92 2.49
C SER A 50 -16.62 26.57 2.12
N VAL A 51 -16.03 26.05 1.04
CA VAL A 51 -14.73 26.49 0.53
C VAL A 51 -14.87 27.16 -0.82
N ARG A 52 -14.20 28.29 -0.98
CA ARG A 52 -14.23 29.06 -2.23
C ARG A 52 -13.10 28.58 -3.14
N THR A 53 -13.50 27.87 -4.20
CA THR A 53 -12.58 27.27 -5.14
C THR A 53 -12.32 28.18 -6.31
N GLY A 54 -13.12 29.25 -6.40
CA GLY A 54 -13.02 30.19 -7.49
C GLY A 54 -12.26 31.46 -7.17
N GLY A 55 -12.91 32.61 -7.45
CA GLY A 55 -12.33 33.93 -7.25
C GLY A 55 -13.34 34.98 -6.87
N LEU A 56 -12.87 36.18 -6.56
CA LEU A 56 -13.72 37.29 -6.15
C LEU A 56 -14.65 36.92 -4.97
N ALA A 57 -14.79 37.83 -4.02
CA ALA A 57 -15.68 37.64 -2.87
C ALA A 57 -17.00 38.32 -3.29
N ASP A 58 -17.02 38.75 -4.56
CA ASP A 58 -18.15 39.41 -5.17
C ASP A 58 -18.93 38.40 -6.00
N LYS A 59 -18.22 37.42 -6.53
CA LYS A 59 -18.80 36.37 -7.37
C LYS A 59 -17.82 35.20 -7.28
N SER A 60 -18.25 34.08 -6.71
CA SER A 60 -17.33 32.97 -6.52
C SER A 60 -17.95 31.59 -6.69
N SER A 61 -17.15 30.65 -7.15
CA SER A 61 -17.60 29.27 -7.22
C SER A 61 -17.17 28.63 -5.91
N ARG A 62 -17.94 27.67 -5.42
CA ARG A 62 -17.66 27.11 -4.10
C ARG A 62 -17.95 25.65 -3.99
N LYS A 63 -17.39 25.09 -2.92
CA LYS A 63 -17.56 23.69 -2.59
C LYS A 63 -18.14 23.63 -1.19
N THR A 64 -19.24 22.89 -1.00
CA THR A 64 -19.92 22.80 0.30
C THR A 64 -20.13 21.37 0.81
N TYR A 65 -19.89 21.16 2.11
CA TYR A 65 -20.02 19.81 2.70
C TYR A 65 -20.83 19.85 4.00
N THR A 66 -21.47 18.76 4.34
CA THR A 66 -22.22 18.73 5.58
C THR A 66 -21.67 17.64 6.48
N PHE A 67 -21.45 17.98 7.75
CA PHE A 67 -20.96 17.03 8.74
C PHE A 67 -21.90 16.90 9.95
N ASP A 68 -21.46 16.12 10.91
CA ASP A 68 -22.23 15.91 12.12
C ASP A 68 -22.14 17.13 13.03
N MET A 69 -21.10 17.92 12.86
CA MET A 69 -20.87 19.11 13.67
C MET A 69 -19.66 19.80 13.05
N VAL A 70 -19.68 21.13 13.05
CA VAL A 70 -18.59 21.96 12.55
C VAL A 70 -18.43 23.02 13.64
N PHE A 71 -17.18 23.45 13.86
CA PHE A 71 -16.77 24.45 14.86
C PHE A 71 -15.87 25.42 14.10
N GLY A 72 -16.14 26.72 14.22
CA GLY A 72 -15.42 27.72 13.47
C GLY A 72 -14.25 28.18 14.26
N ALA A 73 -13.57 29.19 13.74
CA ALA A 73 -12.36 29.73 14.39
C ALA A 73 -12.54 30.18 15.85
N SER A 74 -13.75 30.60 16.21
CA SER A 74 -14.03 31.15 17.54
C SER A 74 -14.39 30.08 18.56
N THR A 75 -14.04 28.83 18.27
CA THR A 75 -14.36 27.72 19.18
C THR A 75 -13.25 27.50 20.19
N LYS A 76 -13.60 27.30 21.46
CA LYS A 76 -12.55 27.13 22.46
C LYS A 76 -12.39 25.68 22.80
N GLN A 77 -11.35 25.34 23.53
CA GLN A 77 -11.13 23.95 23.87
C GLN A 77 -12.31 23.40 24.61
N ILE A 78 -12.68 24.05 25.71
CA ILE A 78 -13.82 23.61 26.53
C ILE A 78 -15.06 23.35 25.66
N ASP A 79 -15.26 24.18 24.65
CA ASP A 79 -16.39 24.00 23.73
C ASP A 79 -16.37 22.63 23.02
N VAL A 80 -15.19 22.28 22.52
CA VAL A 80 -14.97 21.03 21.84
C VAL A 80 -15.23 19.90 22.84
N TYR A 81 -14.54 19.96 23.97
CA TYR A 81 -14.65 18.92 25.01
C TYR A 81 -16.10 18.65 25.39
N ARG A 82 -16.80 19.70 25.79
CA ARG A 82 -18.21 19.62 26.16
C ARG A 82 -19.08 18.99 25.09
N SER A 83 -18.84 19.35 23.83
CA SER A 83 -19.64 18.86 22.72
C SER A 83 -19.33 17.46 22.18
N VAL A 84 -18.06 17.14 22.02
CA VAL A 84 -17.72 15.86 21.46
C VAL A 84 -17.12 14.86 22.43
N VAL A 85 -16.18 15.30 23.26
CA VAL A 85 -15.56 14.37 24.21
C VAL A 85 -16.40 13.90 25.36
N CYS A 86 -17.07 14.83 26.03
CA CYS A 86 -17.86 14.49 27.21
C CYS A 86 -18.78 13.30 27.02
N PRO A 87 -19.60 13.29 25.95
CA PRO A 87 -20.44 12.15 25.61
C PRO A 87 -19.65 10.86 25.34
N ILE A 88 -18.41 10.96 24.84
CA ILE A 88 -17.59 9.77 24.60
C ILE A 88 -17.04 9.27 25.92
N LEU A 89 -16.61 10.19 26.77
CA LEU A 89 -16.20 9.78 28.10
C LEU A 89 -17.31 9.06 28.86
N ASP A 90 -18.56 9.50 28.71
CA ASP A 90 -19.65 8.86 29.44
C ASP A 90 -19.81 7.42 28.95
N GLU A 91 -19.72 7.23 27.64
CA GLU A 91 -19.87 5.87 27.09
C GLU A 91 -18.75 4.95 27.56
N VAL A 92 -17.55 5.50 27.65
CA VAL A 92 -16.38 4.75 28.11
C VAL A 92 -16.55 4.30 29.57
N ILE A 93 -17.00 5.24 30.41
CA ILE A 93 -17.22 4.95 31.81
C ILE A 93 -18.24 3.82 32.01
N MET A 94 -19.20 3.68 31.08
CA MET A 94 -20.21 2.62 31.11
C MET A 94 -19.62 1.24 30.82
N GLY A 95 -18.36 1.20 30.38
CA GLY A 95 -17.72 -0.06 30.05
C GLY A 95 -17.50 -0.29 28.57
N TYR A 96 -17.78 0.73 27.76
CA TYR A 96 -17.60 0.65 26.31
C TYR A 96 -16.21 1.07 25.83
N ASN A 97 -15.96 0.85 24.55
CA ASN A 97 -14.72 1.26 23.91
C ASN A 97 -14.97 2.37 22.94
N CYS A 98 -14.22 3.46 23.08
CA CYS A 98 -14.36 4.58 22.13
C CYS A 98 -13.03 5.00 21.54
N THR A 99 -13.10 5.61 20.37
CA THR A 99 -11.90 6.13 19.68
C THR A 99 -12.09 7.53 19.08
N ILE A 100 -11.13 8.40 19.28
CA ILE A 100 -11.14 9.70 18.63
C ILE A 100 -9.91 9.91 17.77
N PHE A 101 -10.12 10.32 16.53
CA PHE A 101 -9.05 10.58 15.58
C PHE A 101 -9.00 12.08 15.29
N ALA A 102 -7.80 12.59 15.01
CA ALA A 102 -7.65 13.97 14.57
C ALA A 102 -7.02 13.80 13.21
N TYR A 103 -7.73 14.23 12.17
CA TYR A 103 -7.22 14.06 10.83
C TYR A 103 -7.05 15.44 10.20
N GLY A 104 -6.12 15.54 9.24
CA GLY A 104 -5.91 16.77 8.53
C GLY A 104 -4.47 17.10 8.26
N GLN A 105 -4.31 18.16 7.48
CA GLN A 105 -2.99 18.60 7.12
C GLN A 105 -2.20 19.12 8.30
N THR A 106 -0.88 19.15 8.11
CA THR A 106 0.01 19.67 9.11
C THR A 106 -0.09 21.16 9.26
N GLY A 107 -0.17 21.58 10.51
CA GLY A 107 -0.22 22.99 10.87
C GLY A 107 -1.61 23.55 11.00
N THR A 108 -2.61 22.68 10.98
CA THR A 108 -4.01 23.09 11.04
C THR A 108 -4.66 22.86 12.39
N GLY A 109 -4.05 22.05 13.25
CA GLY A 109 -4.52 21.91 14.61
C GLY A 109 -4.79 20.55 15.17
N LYS A 110 -4.27 19.48 14.57
CA LYS A 110 -4.55 18.14 15.10
C LYS A 110 -4.11 18.03 16.55
N THR A 111 -2.90 18.48 16.84
CA THR A 111 -2.29 18.45 18.16
C THR A 111 -2.88 19.43 19.18
N PHE A 112 -3.22 20.64 18.72
CA PHE A 112 -3.84 21.61 19.60
C PHE A 112 -5.15 20.99 20.11
N THR A 113 -5.79 20.23 19.24
CA THR A 113 -7.05 19.60 19.56
C THR A 113 -6.96 18.45 20.52
N MET A 114 -6.04 17.53 20.29
CA MET A 114 -5.90 16.37 21.19
C MET A 114 -5.09 16.63 22.44
N GLU A 115 -4.17 17.56 22.38
CA GLU A 115 -3.33 17.82 23.54
C GLU A 115 -3.56 19.23 24.09
N GLY A 116 -3.65 20.19 23.19
CA GLY A 116 -3.81 21.56 23.56
C GLY A 116 -2.45 22.08 23.90
N GLU A 117 -2.40 23.27 24.51
CA GLU A 117 -1.13 23.89 24.88
C GLU A 117 -1.24 24.47 26.27
N ARG A 118 -0.19 25.20 26.64
CA ARG A 118 -0.13 25.91 27.88
C ARG A 118 -0.23 27.41 27.64
N SER A 119 -1.07 28.06 28.43
CA SER A 119 -1.20 29.50 28.34
C SER A 119 0.09 29.95 28.94
N PRO A 120 0.70 30.99 28.38
CA PRO A 120 1.95 31.72 28.63
C PRO A 120 2.12 32.32 30.03
N ASN A 121 3.34 32.78 30.31
CA ASN A 121 3.74 33.36 31.59
C ASN A 121 3.28 32.60 32.83
N GLU A 122 3.28 31.27 32.75
CA GLU A 122 2.80 30.45 33.86
C GLU A 122 1.52 30.98 34.48
N GLU A 123 0.56 31.35 33.64
CA GLU A 123 -0.68 31.99 34.09
C GLU A 123 -1.65 31.12 34.79
N TYR A 124 -1.69 29.85 34.39
CA TYR A 124 -2.63 28.89 34.98
C TYR A 124 -1.88 27.63 35.40
N THR A 125 -2.58 26.77 36.11
CA THR A 125 -2.03 25.48 36.48
C THR A 125 -2.50 24.61 35.33
N TRP A 126 -2.00 23.38 35.29
CA TRP A 126 -2.35 22.45 34.23
C TRP A 126 -3.84 22.09 34.13
N GLU A 127 -4.51 22.03 35.26
CA GLU A 127 -5.91 21.62 35.30
C GLU A 127 -6.92 22.70 34.90
N GLU A 128 -6.49 23.95 34.89
CA GLU A 128 -7.36 25.07 34.55
C GLU A 128 -6.98 25.86 33.27
N ASP A 129 -5.91 25.46 32.59
CA ASP A 129 -5.53 26.16 31.38
C ASP A 129 -6.61 26.12 30.28
N PRO A 130 -7.09 27.31 29.86
CA PRO A 130 -8.10 27.33 28.77
C PRO A 130 -7.61 26.67 27.47
N LEU A 131 -6.29 26.49 27.39
CA LEU A 131 -5.66 25.98 26.20
C LEU A 131 -5.50 24.47 26.16
N ALA A 132 -5.65 23.82 27.32
CA ALA A 132 -5.56 22.36 27.41
C ALA A 132 -6.51 21.79 26.38
N GLY A 133 -6.10 20.65 25.80
CA GLY A 133 -6.83 19.94 24.76
C GLY A 133 -7.45 18.69 25.32
N ILE A 134 -7.95 17.82 24.43
CA ILE A 134 -8.66 16.61 24.86
C ILE A 134 -7.98 15.75 25.89
N ILE A 135 -6.83 15.24 25.53
CA ILE A 135 -6.10 14.34 26.41
C ILE A 135 -6.03 14.75 27.88
N PRO A 136 -5.56 15.99 28.20
CA PRO A 136 -5.48 16.36 29.62
C PRO A 136 -6.83 16.69 30.24
N ARG A 137 -7.74 17.34 29.52
CA ARG A 137 -9.09 17.56 30.09
C ARG A 137 -9.70 16.22 30.51
N THR A 138 -9.67 15.24 29.59
CA THR A 138 -10.15 13.88 29.87
C THR A 138 -9.55 13.21 31.10
N LEU A 139 -8.24 13.20 31.21
CA LEU A 139 -7.62 12.54 32.37
C LEU A 139 -8.12 13.15 33.65
N HIS A 140 -8.20 14.47 33.68
CA HIS A 140 -8.70 15.22 34.84
C HIS A 140 -10.18 14.90 35.12
N GLN A 141 -11.00 14.97 34.09
CA GLN A 141 -12.41 14.67 34.27
C GLN A 141 -12.61 13.29 34.90
N ILE A 142 -12.03 12.26 34.30
CA ILE A 142 -12.09 10.89 34.83
C ILE A 142 -12.05 10.91 36.36
N PHE A 143 -10.96 11.40 36.92
CA PHE A 143 -10.84 11.50 38.38
C PHE A 143 -11.98 12.33 39.00
N GLU A 144 -12.22 13.50 38.43
CA GLU A 144 -13.29 14.38 38.89
C GLU A 144 -14.65 13.72 38.94
N LYS A 145 -14.83 12.66 38.16
CA LYS A 145 -16.12 12.00 38.07
C LYS A 145 -16.21 10.76 38.96
N LEU A 146 -15.37 9.78 38.69
CA LEU A 146 -15.38 8.53 39.46
C LEU A 146 -15.09 8.76 40.95
N THR A 147 -14.13 9.62 41.24
CA THR A 147 -13.79 9.94 42.61
C THR A 147 -15.02 10.32 43.45
N ASP A 148 -15.85 11.22 42.93
CA ASP A 148 -17.10 11.58 43.61
C ASP A 148 -17.87 10.29 43.92
N ASN A 149 -18.58 9.78 42.92
CA ASN A 149 -19.31 8.52 43.02
C ASN A 149 -18.54 7.44 43.79
N GLY A 150 -19.27 6.47 44.33
CA GLY A 150 -18.68 5.41 45.15
C GLY A 150 -18.12 4.27 44.33
N THR A 151 -17.00 4.54 43.66
CA THR A 151 -16.39 3.53 42.81
C THR A 151 -14.91 3.31 43.11
N GLU A 152 -14.51 2.05 43.07
CA GLU A 152 -13.13 1.67 43.17
C GLU A 152 -12.84 1.58 41.69
N PHE A 153 -11.84 2.34 41.22
CA PHE A 153 -11.52 2.33 39.80
C PHE A 153 -10.01 2.42 39.66
N SER A 154 -9.53 2.28 38.45
CA SER A 154 -8.10 2.45 38.23
C SER A 154 -7.85 2.90 36.80
N VAL A 155 -6.93 3.84 36.65
CA VAL A 155 -6.62 4.32 35.32
C VAL A 155 -5.23 3.91 34.87
N LYS A 156 -5.15 3.45 33.63
CA LYS A 156 -3.87 3.08 33.01
C LYS A 156 -3.74 3.89 31.73
N VAL A 157 -2.51 4.21 31.36
CA VAL A 157 -2.32 5.01 30.16
C VAL A 157 -1.21 4.50 29.34
N SER A 158 -1.36 4.66 28.04
CA SER A 158 -0.33 4.29 27.13
C SER A 158 -0.31 5.26 25.95
N LEU A 159 0.90 5.48 25.45
CA LEU A 159 1.19 6.34 24.32
C LEU A 159 2.05 5.50 23.45
N LEU A 160 1.50 5.12 22.31
CA LEU A 160 2.15 4.24 21.37
C LEU A 160 2.24 5.04 20.07
N GLU A 161 3.45 5.21 19.55
CA GLU A 161 3.56 6.00 18.33
C GLU A 161 4.16 5.21 17.16
N ILE A 162 3.66 5.50 15.96
CA ILE A 162 4.10 4.82 14.73
C ILE A 162 4.86 5.82 13.83
N TYR A 163 6.12 5.53 13.62
CA TYR A 163 6.95 6.31 12.74
C TYR A 163 7.66 5.35 11.78
N ASN A 164 7.28 5.40 10.51
CA ASN A 164 7.89 4.58 9.46
C ASN A 164 7.55 3.15 9.67
N GLU A 165 6.33 2.86 10.10
CA GLU A 165 5.90 1.48 10.29
C GLU A 165 6.64 0.76 11.43
N GLU A 166 7.32 1.56 12.28
CA GLU A 166 8.03 1.06 13.44
C GLU A 166 7.26 1.52 14.65
N LEU A 167 7.29 0.73 15.71
CA LEU A 167 6.52 1.06 16.90
C LEU A 167 7.36 1.55 18.06
N PHE A 168 6.95 2.67 18.67
CA PHE A 168 7.61 3.32 19.80
C PHE A 168 6.67 3.56 21.01
N ASP A 169 7.26 3.58 22.21
CA ASP A 169 6.55 3.79 23.48
C ASP A 169 7.10 5.10 23.96
N LEU A 170 6.24 6.13 24.07
CA LEU A 170 6.71 7.45 24.51
C LEU A 170 6.48 7.71 25.98
N LEU A 171 6.06 6.70 26.72
CA LEU A 171 5.75 6.88 28.14
C LEU A 171 6.65 6.15 29.08
N ASN A 172 7.25 5.06 28.61
CA ASN A 172 8.17 4.25 29.40
C ASN A 172 9.39 5.09 29.74
N PRO A 173 9.59 5.36 31.03
CA PRO A 173 10.77 6.18 31.35
C PRO A 173 12.05 5.36 31.43
N SER A 174 11.90 4.04 31.50
CA SER A 174 13.06 3.16 31.63
C SER A 174 13.83 2.93 30.34
N SER A 175 13.13 2.95 29.21
CA SER A 175 13.77 2.71 27.90
C SER A 175 13.72 3.94 27.01
N ASP A 176 14.74 4.12 26.18
CA ASP A 176 14.80 5.25 25.26
C ASP A 176 14.07 5.03 23.94
N VAL A 177 13.66 6.13 23.31
CA VAL A 177 12.90 6.10 22.06
C VAL A 177 13.64 5.49 20.87
N SER A 178 14.76 4.81 21.11
CA SER A 178 15.49 4.24 19.99
C SER A 178 15.21 2.75 19.89
N GLU A 179 14.39 2.26 20.81
CA GLU A 179 14.03 0.86 20.94
C GLU A 179 12.59 0.62 20.53
N ARG A 180 12.43 0.04 19.35
CA ARG A 180 11.12 -0.26 18.80
C ARG A 180 10.46 -1.52 19.39
N LEU A 181 9.15 -1.43 19.65
CA LEU A 181 8.41 -2.56 20.16
C LEU A 181 8.09 -3.46 19.01
N GLN A 182 7.68 -4.69 19.34
CA GLN A 182 7.25 -5.68 18.36
C GLN A 182 5.74 -5.90 18.49
N MET A 183 5.15 -6.32 17.38
CA MET A 183 3.74 -6.53 17.30
C MET A 183 3.53 -7.91 16.69
N PHE A 184 2.63 -8.67 17.29
CA PHE A 184 2.33 -10.04 16.93
C PHE A 184 0.82 -10.10 17.04
N ASP A 185 0.22 -11.10 16.39
CA ASP A 185 -1.22 -11.29 16.46
C ASP A 185 -1.59 -11.85 17.82
N ASP A 186 -2.81 -11.61 18.27
CA ASP A 186 -3.23 -12.12 19.58
C ASP A 186 -3.91 -13.46 19.38
N PRO A 187 -3.24 -14.56 19.75
CA PRO A 187 -3.76 -15.92 19.60
C PRO A 187 -5.15 -16.09 20.19
N ARG A 188 -5.40 -15.41 21.30
CA ARG A 188 -6.69 -15.48 21.96
C ARG A 188 -7.73 -14.81 21.07
N ASN A 189 -8.06 -13.57 21.39
CA ASN A 189 -9.02 -12.83 20.59
C ASN A 189 -8.48 -12.35 19.22
N LYS A 190 -9.11 -12.86 18.15
CA LYS A 190 -8.78 -12.53 16.76
C LYS A 190 -8.94 -11.03 16.46
N ARG A 191 -8.24 -10.55 15.42
CA ARG A 191 -8.31 -9.15 15.03
C ARG A 191 -7.73 -8.21 16.11
N GLY A 192 -7.00 -8.79 17.05
CA GLY A 192 -6.36 -8.05 18.12
C GLY A 192 -4.88 -8.19 17.94
N VAL A 193 -4.11 -7.31 18.59
CA VAL A 193 -2.67 -7.35 18.45
C VAL A 193 -2.08 -7.33 19.81
N ILE A 194 -0.87 -7.85 19.92
CA ILE A 194 -0.16 -7.90 21.16
C ILE A 194 1.10 -7.10 20.87
N ILE A 195 1.30 -6.06 21.66
CA ILE A 195 2.47 -5.21 21.56
C ILE A 195 3.41 -5.61 22.69
N LYS A 196 4.48 -6.29 22.32
CA LYS A 196 5.44 -6.78 23.27
C LYS A 196 6.17 -5.59 23.82
N GLY A 197 6.16 -5.39 25.13
CA GLY A 197 6.91 -4.27 25.71
C GLY A 197 6.18 -2.96 25.98
N LEU A 198 4.96 -2.79 25.48
CA LEU A 198 4.28 -1.54 25.71
C LEU A 198 4.09 -1.39 27.22
N GLU A 199 4.50 -0.25 27.76
CA GLU A 199 4.28 0.04 29.16
C GLU A 199 2.93 0.70 29.39
N GLU A 200 2.16 0.10 30.27
CA GLU A 200 0.92 0.68 30.74
C GLU A 200 1.28 1.32 32.07
N ILE A 201 1.07 2.63 32.18
CA ILE A 201 1.35 3.35 33.40
C ILE A 201 0.07 3.54 34.18
N THR A 202 0.14 3.30 35.50
CA THR A 202 -1.03 3.48 36.35
C THR A 202 -0.99 4.89 36.89
N VAL A 203 -2.09 5.63 36.72
CA VAL A 203 -2.19 6.99 37.22
C VAL A 203 -2.99 6.93 38.50
N HIS A 204 -2.29 7.02 39.63
CA HIS A 204 -2.86 6.87 40.96
C HIS A 204 -3.78 8.02 41.42
N ASN A 205 -3.53 9.22 40.94
CA ASN A 205 -4.36 10.35 41.34
C ASN A 205 -4.17 11.49 40.35
N LYS A 206 -5.13 12.39 40.30
CA LYS A 206 -5.09 13.50 39.38
C LYS A 206 -3.77 14.23 39.43
N ASP A 207 -3.36 14.59 40.65
CA ASP A 207 -2.11 15.33 40.81
C ASP A 207 -0.89 14.49 40.44
N GLU A 208 -1.09 13.47 39.62
CA GLU A 208 -0.01 12.59 39.17
C GLU A 208 0.00 12.53 37.63
N VAL A 209 -0.93 13.28 37.03
CA VAL A 209 -1.07 13.29 35.59
C VAL A 209 0.08 14.03 34.92
N TYR A 210 0.07 15.35 35.08
CA TYR A 210 1.05 16.24 34.46
C TYR A 210 2.48 15.76 34.31
N GLN A 211 2.94 14.94 35.24
CA GLN A 211 4.32 14.47 35.13
C GLN A 211 4.36 13.38 34.10
N ILE A 212 3.31 12.58 34.10
CA ILE A 212 3.24 11.49 33.17
C ILE A 212 3.33 12.13 31.80
N LEU A 213 2.56 13.19 31.56
CA LEU A 213 2.62 13.93 30.27
C LEU A 213 3.94 14.67 30.05
N GLU A 214 4.57 15.21 31.08
CA GLU A 214 5.82 15.95 30.90
C GLU A 214 6.89 15.03 30.40
N LYS A 215 6.89 13.81 30.92
CA LYS A 215 7.82 12.76 30.46
C LYS A 215 7.50 12.48 28.99
N GLY A 216 6.24 12.27 28.66
CA GLY A 216 5.89 12.03 27.28
C GLY A 216 6.39 13.15 26.36
N ALA A 217 6.21 14.39 26.81
CA ALA A 217 6.58 15.57 26.04
C ALA A 217 8.08 15.64 25.92
N ALA A 218 8.77 15.11 26.93
CA ALA A 218 10.22 15.08 26.93
C ALA A 218 10.74 14.05 25.92
N LYS A 219 10.27 12.81 26.05
CA LYS A 219 10.71 11.70 25.21
C LYS A 219 10.41 11.91 23.72
N ARG A 220 9.29 12.57 23.42
CA ARG A 220 8.96 12.92 22.05
C ARG A 220 10.01 13.90 21.50
N THR A 221 10.58 14.72 22.39
CA THR A 221 11.63 15.61 21.94
C THR A 221 12.86 14.90 21.37
N THR A 222 13.25 13.79 21.98
CA THR A 222 14.45 13.07 21.54
C THR A 222 14.10 12.29 20.31
N ALA A 223 12.86 11.81 20.33
CA ALA A 223 12.32 11.10 19.18
C ALA A 223 12.49 12.03 17.96
N ALA A 224 12.25 13.32 18.15
CA ALA A 224 12.43 14.31 17.07
C ALA A 224 13.88 14.50 16.61
N THR A 225 14.84 14.42 17.53
CA THR A 225 16.23 14.57 17.11
C THR A 225 16.62 13.30 16.35
N LEU A 226 15.99 12.17 16.69
CA LEU A 226 16.31 10.90 16.05
C LEU A 226 15.71 10.62 14.66
N MET A 227 14.52 11.14 14.39
CA MET A 227 13.79 10.86 13.15
C MET A 227 13.30 12.16 12.54
N ASN A 228 13.40 12.25 11.22
CA ASN A 228 13.06 13.46 10.45
C ASN A 228 11.57 13.81 10.43
N ALA A 229 11.23 15.06 10.66
CA ALA A 229 9.83 15.50 10.64
C ALA A 229 9.00 14.61 11.51
N TYR A 230 9.61 14.08 12.56
CA TYR A 230 8.88 13.15 13.42
C TYR A 230 7.46 13.56 13.77
N SER A 231 7.30 14.80 14.19
CA SER A 231 6.03 15.29 14.69
C SER A 231 4.97 15.40 13.64
N SER A 232 5.41 15.50 12.41
CA SER A 232 4.51 15.55 11.29
C SER A 232 4.12 14.16 10.79
N ARG A 233 5.11 13.29 10.78
CA ARG A 233 5.00 11.97 10.15
C ARG A 233 4.70 10.81 11.01
N SER A 234 4.51 11.05 12.28
CA SER A 234 4.20 9.97 13.17
C SER A 234 2.72 9.99 13.57
N HIS A 235 2.18 8.83 13.93
CA HIS A 235 0.83 8.68 14.45
C HIS A 235 0.99 8.34 15.92
N SER A 236 0.31 9.07 16.78
CA SER A 236 0.34 8.73 18.19
C SER A 236 -1.01 8.16 18.66
N VAL A 237 -0.93 7.16 19.51
CA VAL A 237 -2.11 6.60 20.10
C VAL A 237 -2.09 6.79 21.61
N PHE A 238 -2.92 7.67 22.13
CA PHE A 238 -2.91 7.85 23.56
C PHE A 238 -4.08 6.99 24.08
N SER A 239 -3.77 5.97 24.84
CA SER A 239 -4.84 5.10 25.33
C SER A 239 -4.97 5.19 26.85
N VAL A 240 -6.18 5.44 27.32
CA VAL A 240 -6.47 5.39 28.75
C VAL A 240 -7.49 4.30 29.03
N THR A 241 -7.14 3.41 29.95
CA THR A 241 -8.02 2.30 30.35
C THR A 241 -8.59 2.39 31.76
N ILE A 242 -9.91 2.30 31.83
CA ILE A 242 -10.57 2.39 33.12
C ILE A 242 -11.11 1.06 33.58
N HIS A 243 -10.67 0.67 34.76
CA HIS A 243 -11.13 -0.52 35.46
C HIS A 243 -11.94 0.06 36.62
N MET A 244 -13.25 -0.14 36.59
CA MET A 244 -14.11 0.31 37.68
C MET A 244 -14.77 -0.89 38.36
N LYS A 245 -14.70 -0.94 39.69
CA LYS A 245 -15.34 -2.01 40.49
C LYS A 245 -16.48 -1.36 41.28
N GLU A 246 -17.30 -0.61 40.57
CA GLU A 246 -18.41 0.13 41.16
C GLU A 246 -19.27 -0.66 42.16
N THR A 247 -19.90 0.09 43.07
CA THR A 247 -20.77 -0.50 44.11
C THR A 247 -21.78 0.54 44.62
N THR A 248 -22.86 0.76 43.86
CA THR A 248 -23.89 1.73 44.24
C THR A 248 -24.48 1.41 45.63
N ILE A 249 -25.19 2.37 46.22
CA ILE A 249 -25.78 2.20 47.56
C ILE A 249 -26.38 0.80 47.81
N ASP A 250 -27.03 0.28 46.78
CA ASP A 250 -27.64 -1.05 46.81
C ASP A 250 -26.57 -2.03 47.29
N GLY A 251 -25.34 -1.77 46.85
CA GLY A 251 -24.22 -2.61 47.16
C GLY A 251 -24.02 -3.51 45.98
N GLU A 252 -24.33 -2.98 44.79
CA GLU A 252 -24.18 -3.75 43.55
C GLU A 252 -22.78 -3.50 42.97
N GLU A 253 -21.92 -4.51 43.03
CA GLU A 253 -20.57 -4.38 42.50
C GLU A 253 -20.42 -4.73 41.00
N LEU A 254 -20.54 -3.71 40.15
CA LEU A 254 -20.43 -3.89 38.72
C LEU A 254 -18.96 -3.73 38.35
N VAL A 255 -18.40 -4.71 37.66
CA VAL A 255 -17.00 -4.62 37.23
C VAL A 255 -16.86 -4.16 35.78
N LYS A 256 -16.71 -2.84 35.60
CA LYS A 256 -16.60 -2.24 34.27
C LYS A 256 -15.18 -1.89 33.81
N ILE A 257 -14.93 -2.19 32.55
CA ILE A 257 -13.68 -1.85 31.91
C ILE A 257 -13.99 -0.98 30.71
N GLY A 258 -13.54 0.27 30.77
CA GLY A 258 -13.74 1.17 29.66
C GLY A 258 -12.39 1.55 29.07
N LYS A 259 -12.31 1.60 27.74
CA LYS A 259 -11.10 2.01 27.04
C LYS A 259 -11.30 3.13 26.04
N LEU A 260 -10.44 4.14 26.10
CA LEU A 260 -10.50 5.26 25.14
C LEU A 260 -9.13 5.48 24.52
N ASN A 261 -9.12 5.51 23.19
CA ASN A 261 -7.89 5.75 22.40
C ASN A 261 -8.04 7.10 21.78
N LEU A 262 -7.07 7.97 22.01
CA LEU A 262 -7.03 9.33 21.44
C LEU A 262 -5.89 9.38 20.40
N VAL A 263 -6.29 9.36 19.14
CA VAL A 263 -5.37 9.35 18.01
C VAL A 263 -5.18 10.64 17.23
N ASP A 264 -3.95 11.10 17.23
CA ASP A 264 -3.49 12.28 16.48
C ASP A 264 -2.72 11.71 15.28
N LEU A 265 -3.35 11.71 14.11
CA LEU A 265 -2.69 11.15 12.93
C LEU A 265 -1.56 11.99 12.34
N ALA A 266 -0.72 11.33 11.53
CA ALA A 266 0.34 11.99 10.81
C ALA A 266 -0.37 12.97 9.90
N GLY A 267 0.35 13.96 9.42
CA GLY A 267 -0.25 14.96 8.56
C GLY A 267 -0.68 14.40 7.22
N SER A 268 -1.94 14.64 6.87
CA SER A 268 -2.56 14.16 5.65
C SER A 268 -1.93 14.69 4.35
N GLU A 269 -1.09 15.71 4.46
CA GLU A 269 -0.43 16.23 3.25
C GLU A 269 0.45 15.22 2.50
N ASN A 270 0.68 15.50 1.21
CA ASN A 270 1.49 14.62 0.36
C ASN A 270 2.56 15.32 -0.48
N ASN A 286 9.07 10.22 2.80
CA ASN A 286 8.55 9.33 1.75
C ASN A 286 7.03 9.02 1.87
N ILE A 287 6.70 7.74 1.89
CA ILE A 287 5.31 7.29 1.97
C ILE A 287 4.98 6.89 3.41
N ASN A 288 3.74 7.15 3.81
CA ASN A 288 3.27 6.75 5.12
C ASN A 288 2.35 5.58 4.87
N GLN A 289 2.85 4.37 5.10
CA GLN A 289 2.06 3.14 4.86
C GLN A 289 0.75 3.12 5.64
N SER A 290 0.77 3.55 6.90
CA SER A 290 -0.45 3.58 7.71
C SER A 290 -1.52 4.59 7.23
N LEU A 291 -1.08 5.73 6.70
CA LEU A 291 -1.99 6.78 6.31
C LEU A 291 -2.60 6.33 5.02
N LEU A 292 -1.75 5.78 4.18
CA LEU A 292 -2.21 5.22 2.91
C LEU A 292 -3.21 4.07 3.21
N THR A 293 -2.87 3.24 4.18
CA THR A 293 -3.74 2.13 4.51
C THR A 293 -5.01 2.57 5.19
N LEU A 294 -4.98 3.70 5.89
CA LEU A 294 -6.20 4.14 6.56
C LEU A 294 -7.23 4.51 5.53
N GLY A 295 -6.90 5.43 4.64
CA GLY A 295 -7.81 5.83 3.59
C GLY A 295 -8.34 4.65 2.79
N ARG A 296 -7.46 3.70 2.54
CA ARG A 296 -7.84 2.52 1.75
C ARG A 296 -8.81 1.65 2.50
N VAL A 297 -8.62 1.61 3.81
CA VAL A 297 -9.53 0.85 4.67
C VAL A 297 -10.86 1.54 4.70
N ILE A 298 -10.85 2.87 4.78
CA ILE A 298 -12.09 3.60 4.83
C ILE A 298 -12.84 3.31 3.54
N THR A 299 -12.14 3.34 2.42
CA THR A 299 -12.81 3.12 1.14
C THR A 299 -13.59 1.80 1.06
N ALA A 300 -12.90 0.73 1.42
CA ALA A 300 -13.44 -0.62 1.44
C ALA A 300 -14.72 -0.75 2.29
N LEU A 301 -14.81 0.06 3.36
CA LEU A 301 -15.94 0.07 4.29
C LEU A 301 -17.12 0.88 3.73
N VAL A 302 -16.83 2.04 3.17
CA VAL A 302 -17.88 2.80 2.54
C VAL A 302 -18.30 2.12 1.22
N GLU A 303 -17.35 1.62 0.43
CA GLU A 303 -17.72 0.96 -0.80
C GLU A 303 -18.22 -0.48 -0.57
N ARG A 304 -18.45 -0.80 0.69
CA ARG A 304 -18.97 -2.09 1.09
C ARG A 304 -18.27 -3.34 0.59
N THR A 305 -17.02 -3.18 0.16
CA THR A 305 -16.17 -4.27 -0.33
C THR A 305 -15.90 -5.29 0.79
N PRO A 306 -15.96 -6.59 0.48
CA PRO A 306 -15.74 -7.69 1.44
C PRO A 306 -14.35 -7.69 2.11
N HIS A 307 -13.30 -7.37 1.35
CA HIS A 307 -11.96 -7.35 1.91
C HIS A 307 -11.49 -5.95 2.28
N VAL A 308 -11.17 -5.77 3.56
CA VAL A 308 -10.67 -4.49 4.11
C VAL A 308 -9.20 -4.70 4.46
N PRO A 309 -8.32 -3.83 3.95
CA PRO A 309 -6.90 -4.04 4.25
C PRO A 309 -6.39 -3.66 5.63
N TYR A 310 -7.05 -4.10 6.70
CA TYR A 310 -6.56 -3.84 8.05
C TYR A 310 -5.08 -4.23 8.15
N ARG A 311 -4.78 -5.48 7.92
CA ARG A 311 -3.40 -5.95 8.00
C ARG A 311 -2.33 -5.24 7.15
N GLU A 312 -2.68 -4.28 6.30
CA GLU A 312 -1.63 -3.68 5.48
C GLU A 312 -0.77 -2.57 6.05
N SER A 313 -0.92 -2.29 7.34
CA SER A 313 -0.19 -1.24 8.04
C SER A 313 -0.34 -1.52 9.54
N LYS A 314 0.56 -0.99 10.39
CA LYS A 314 0.46 -1.19 11.86
C LYS A 314 -0.72 -0.42 12.46
N LEU A 315 -0.90 0.82 12.03
CA LEU A 315 -2.00 1.63 12.52
C LEU A 315 -3.36 0.93 12.40
N THR A 316 -3.71 0.45 11.20
CA THR A 316 -4.98 -0.22 10.92
C THR A 316 -5.20 -1.53 11.65
N ARG A 317 -4.12 -2.24 11.92
CA ARG A 317 -4.20 -3.52 12.62
C ARG A 317 -4.43 -3.18 14.11
N ILE A 318 -3.69 -2.20 14.61
CA ILE A 318 -3.84 -1.84 16.00
C ILE A 318 -5.28 -1.40 16.29
N LEU A 319 -5.75 -0.41 15.54
CA LEU A 319 -7.08 0.19 15.69
C LEU A 319 -8.13 -0.35 14.73
N GLN A 320 -7.99 -1.60 14.31
CA GLN A 320 -8.94 -2.15 13.35
C GLN A 320 -10.35 -2.21 13.91
N ASP A 321 -10.47 -2.38 15.23
CA ASP A 321 -11.81 -2.42 15.81
C ASP A 321 -12.53 -1.08 15.82
N SER A 322 -11.81 0.00 15.58
CA SER A 322 -12.40 1.34 15.59
C SER A 322 -12.97 1.64 14.20
N LEU A 323 -12.58 0.80 13.24
CA LEU A 323 -12.90 0.97 11.86
C LEU A 323 -13.76 -0.22 11.38
N GLY A 324 -15.08 -0.11 11.53
CA GLY A 324 -16.03 -1.16 11.20
C GLY A 324 -16.25 -2.19 12.32
N GLY A 325 -15.51 -2.10 13.42
CA GLY A 325 -15.62 -3.04 14.54
C GLY A 325 -16.63 -2.61 15.58
N ARG A 326 -16.46 -3.06 16.83
CA ARG A 326 -17.44 -2.70 17.85
C ARG A 326 -17.16 -1.44 18.69
N THR A 327 -16.05 -0.75 18.39
CA THR A 327 -15.73 0.50 19.07
C THR A 327 -16.58 1.61 18.48
N ARG A 328 -16.88 2.63 19.29
CA ARG A 328 -17.62 3.83 18.85
C ARG A 328 -16.58 4.85 18.45
N THR A 329 -16.61 5.29 17.21
CA THR A 329 -15.63 6.24 16.74
C THR A 329 -16.08 7.59 16.16
N SER A 330 -15.31 8.63 16.44
CA SER A 330 -15.48 9.99 15.96
C SER A 330 -14.20 10.47 15.25
N ILE A 331 -14.39 11.28 14.22
CA ILE A 331 -13.23 11.83 13.57
C ILE A 331 -13.36 13.33 13.67
N ILE A 332 -12.25 14.01 13.94
CA ILE A 332 -12.24 15.49 13.98
C ILE A 332 -11.25 15.94 12.95
N ALA A 333 -11.72 16.33 11.76
CA ALA A 333 -10.82 16.83 10.72
C ALA A 333 -10.47 18.28 10.99
N THR A 334 -9.23 18.64 10.71
CA THR A 334 -8.80 20.01 10.94
C THR A 334 -8.35 20.71 9.68
N ILE A 335 -8.86 21.90 9.45
CA ILE A 335 -8.54 22.64 8.25
C ILE A 335 -8.04 24.05 8.54
N SER A 336 -7.48 24.69 7.52
CA SER A 336 -7.04 26.06 7.62
C SER A 336 -7.91 26.92 6.69
N PRO A 337 -8.19 28.16 7.14
CA PRO A 337 -8.97 29.16 6.42
C PRO A 337 -8.20 29.67 5.21
N ALA A 338 -6.87 29.51 5.25
CA ALA A 338 -5.97 30.02 4.20
C ALA A 338 -6.20 29.47 2.83
N SER A 339 -6.17 30.38 1.86
CA SER A 339 -6.29 30.10 0.42
C SER A 339 -5.09 29.37 -0.22
N LEU A 340 -3.94 29.35 0.46
CA LEU A 340 -2.77 28.63 -0.09
C LEU A 340 -3.01 27.12 0.08
N ASN A 341 -3.86 26.79 1.05
CA ASN A 341 -4.17 25.43 1.43
C ASN A 341 -5.32 24.79 0.67
N LEU A 342 -5.97 25.55 -0.21
CA LEU A 342 -7.11 25.08 -0.99
C LEU A 342 -7.15 23.59 -1.27
N GLU A 343 -6.14 23.14 -1.98
CA GLU A 343 -6.07 21.74 -2.34
C GLU A 343 -6.08 20.82 -1.12
N GLU A 344 -5.38 21.18 -0.08
CA GLU A 344 -5.33 20.31 1.09
C GLU A 344 -6.64 20.29 1.85
N THR A 345 -7.32 21.43 1.87
CA THR A 345 -8.63 21.55 2.48
C THR A 345 -9.69 20.71 1.80
N LEU A 346 -9.74 20.70 0.47
CA LEU A 346 -10.76 19.89 -0.22
C LEU A 346 -10.43 18.39 -0.09
N SER A 347 -9.14 18.11 -0.02
CA SER A 347 -8.70 16.75 0.14
C SER A 347 -9.14 16.22 1.51
N THR A 348 -9.09 17.10 2.51
CA THR A 348 -9.50 16.76 3.88
C THR A 348 -11.03 16.72 4.00
N LEU A 349 -11.67 17.82 3.64
CA LEU A 349 -13.14 17.89 3.70
C LEU A 349 -13.76 16.66 3.06
N GLU A 350 -13.25 16.31 1.88
CA GLU A 350 -13.69 15.15 1.11
C GLU A 350 -13.48 13.77 1.79
N TYR A 351 -12.27 13.59 2.29
CA TYR A 351 -11.88 12.38 2.98
C TYR A 351 -12.75 12.22 4.22
N ALA A 352 -12.91 13.31 4.96
CA ALA A 352 -13.76 13.33 6.16
C ALA A 352 -15.21 13.04 5.77
N HIS A 353 -15.67 13.59 4.65
CA HIS A 353 -17.07 13.41 4.27
C HIS A 353 -17.48 11.96 4.00
N ARG A 354 -16.76 11.28 3.15
CA ARG A 354 -17.02 9.89 2.87
C ARG A 354 -17.02 8.99 4.14
N ALA A 355 -16.21 9.30 5.15
CA ALA A 355 -16.08 8.46 6.34
C ALA A 355 -17.42 8.46 7.11
N LYS A 356 -18.17 9.55 6.94
CA LYS A 356 -19.46 9.65 7.59
C LYS A 356 -20.27 8.39 7.32
N ASN A 357 -19.99 7.75 6.17
CA ASN A 357 -20.65 6.49 5.76
C ASN A 357 -20.13 5.17 6.34
N ILE A 358 -19.18 5.22 7.26
CA ILE A 358 -18.70 3.97 7.86
C ILE A 358 -19.63 3.59 9.01
N LEU A 359 -20.16 2.38 9.00
CA LEU A 359 -21.03 1.98 10.10
C LEU A 359 -20.38 0.90 10.96
N ASN A 360 -20.37 1.14 12.27
CA ASN A 360 -19.80 0.18 13.20
C ASN A 360 -20.59 -0.19 14.48
N LYS A 361 -19.90 -0.21 15.62
CA LYS A 361 -20.54 -0.56 16.91
C LYS A 361 -21.18 -1.94 16.96
N ASN B 17 -2.86 1.17 -26.15
CA ASN B 17 -1.40 1.18 -26.34
C ASN B 17 -0.67 -0.08 -25.86
N ILE B 18 -0.89 -0.48 -24.62
CA ILE B 18 -0.24 -1.70 -24.07
C ILE B 18 -0.92 -2.98 -24.61
N GLN B 19 -0.09 -3.93 -25.08
CA GLN B 19 -0.61 -5.19 -25.61
C GLN B 19 -0.94 -6.20 -24.48
N VAL B 20 -2.17 -6.70 -24.44
CA VAL B 20 -2.54 -7.66 -23.42
C VAL B 20 -3.02 -8.94 -24.07
N VAL B 21 -2.25 -10.00 -23.92
CA VAL B 21 -2.65 -11.29 -24.46
C VAL B 21 -3.07 -12.22 -23.30
N VAL B 22 -3.77 -13.27 -23.66
CA VAL B 22 -4.27 -14.25 -22.71
C VAL B 22 -3.85 -15.67 -23.16
N ARG B 23 -3.47 -16.51 -22.20
CA ARG B 23 -3.08 -17.87 -22.57
C ARG B 23 -3.71 -18.87 -21.65
N CYS B 24 -4.52 -19.76 -22.20
CA CYS B 24 -5.15 -20.78 -21.38
C CYS B 24 -4.38 -22.09 -21.49
N ARG B 25 -4.33 -22.80 -20.38
CA ARG B 25 -3.65 -24.08 -20.33
C ARG B 25 -4.66 -25.21 -20.14
N PRO B 26 -4.30 -26.41 -20.57
CA PRO B 26 -5.10 -27.63 -20.46
C PRO B 26 -5.36 -28.00 -19.00
N PHE B 27 -5.79 -29.23 -18.78
CA PHE B 27 -5.96 -29.73 -17.41
C PHE B 27 -4.80 -30.68 -17.20
N ASN B 28 -4.29 -30.73 -15.99
CA ASN B 28 -3.19 -31.64 -15.69
C ASN B 28 -3.74 -33.05 -15.66
N LEU B 29 -2.84 -34.01 -15.83
CA LEU B 29 -3.18 -35.44 -15.77
C LEU B 29 -3.98 -35.71 -14.48
N ALA B 30 -3.92 -34.77 -13.54
CA ALA B 30 -4.64 -34.89 -12.27
C ALA B 30 -6.02 -34.24 -12.28
N GLU B 31 -6.34 -33.52 -13.35
CA GLU B 31 -7.67 -32.92 -13.49
C GLU B 31 -8.40 -33.73 -14.55
N ARG B 32 -7.64 -34.20 -15.56
CA ARG B 32 -8.14 -35.00 -16.67
C ARG B 32 -8.32 -36.46 -16.25
N LYS B 33 -8.02 -36.73 -14.98
CA LYS B 33 -8.16 -38.06 -14.39
C LYS B 33 -9.45 -38.04 -13.56
N ALA B 34 -10.35 -37.16 -13.95
CA ALA B 34 -11.65 -37.00 -13.30
C ALA B 34 -12.61 -36.33 -14.29
N SER B 35 -12.32 -36.51 -15.58
CA SER B 35 -13.10 -35.93 -16.69
C SER B 35 -13.54 -34.51 -16.36
N ALA B 36 -12.64 -33.55 -16.59
CA ALA B 36 -12.94 -32.17 -16.23
C ALA B 36 -13.77 -31.35 -17.23
N HIS B 37 -14.64 -30.50 -16.67
CA HIS B 37 -15.47 -29.60 -17.45
C HIS B 37 -14.84 -28.19 -17.48
N SER B 38 -14.40 -27.80 -18.66
CA SER B 38 -13.81 -26.49 -18.85
C SER B 38 -14.94 -25.50 -18.70
N ILE B 39 -14.71 -24.49 -17.87
CA ILE B 39 -15.68 -23.42 -17.70
C ILE B 39 -15.08 -22.25 -18.46
N VAL B 40 -14.07 -22.57 -19.27
CA VAL B 40 -13.41 -21.59 -20.10
C VAL B 40 -13.08 -22.08 -21.47
N GLU B 41 -13.55 -21.33 -22.47
CA GLU B 41 -13.23 -21.59 -23.85
C GLU B 41 -12.50 -20.35 -24.33
N CYS B 42 -11.45 -20.57 -25.11
CA CYS B 42 -10.55 -19.50 -25.59
C CYS B 42 -10.54 -19.50 -27.12
N ASP B 43 -11.28 -18.60 -27.77
CA ASP B 43 -11.33 -18.54 -29.24
C ASP B 43 -10.17 -17.71 -29.79
N PRO B 44 -9.10 -18.39 -30.26
CA PRO B 44 -8.00 -17.55 -30.75
C PRO B 44 -8.45 -16.76 -31.95
N VAL B 45 -9.39 -17.34 -32.69
CA VAL B 45 -9.90 -16.70 -33.88
C VAL B 45 -10.65 -15.43 -33.55
N ARG B 46 -11.60 -15.53 -32.62
CA ARG B 46 -12.35 -14.34 -32.20
C ARG B 46 -11.55 -13.48 -31.22
N LYS B 47 -10.37 -13.96 -30.79
CA LYS B 47 -9.55 -13.24 -29.82
C LYS B 47 -10.38 -13.01 -28.56
N GLU B 48 -11.22 -13.98 -28.25
CA GLU B 48 -12.12 -13.89 -27.11
C GLU B 48 -11.83 -14.98 -26.09
N VAL B 49 -12.35 -14.78 -24.88
CA VAL B 49 -12.27 -15.79 -23.85
C VAL B 49 -13.57 -15.72 -23.08
N SER B 50 -14.33 -16.81 -23.12
CA SER B 50 -15.62 -16.90 -22.42
C SER B 50 -15.47 -17.72 -21.15
N VAL B 51 -16.13 -17.26 -20.09
CA VAL B 51 -16.07 -17.95 -18.80
C VAL B 51 -17.48 -18.18 -18.33
N ARG B 52 -17.79 -19.44 -18.05
CA ARG B 52 -19.12 -19.83 -17.61
C ARG B 52 -19.20 -19.50 -16.15
N THR B 53 -20.09 -18.57 -15.81
CA THR B 53 -20.25 -18.13 -14.44
C THR B 53 -21.26 -18.95 -13.63
N GLY B 54 -22.35 -19.35 -14.26
CA GLY B 54 -23.42 -20.16 -13.68
C GLY B 54 -24.16 -20.93 -14.77
N GLY B 55 -25.18 -21.70 -14.37
CA GLY B 55 -25.98 -22.52 -15.29
C GLY B 55 -25.15 -23.60 -15.98
N LEU B 56 -25.81 -24.56 -16.62
CA LEU B 56 -25.08 -25.63 -17.32
C LEU B 56 -24.72 -25.25 -18.77
N ALA B 57 -24.25 -26.24 -19.54
CA ALA B 57 -23.92 -26.03 -20.95
C ALA B 57 -25.21 -25.72 -21.71
N ASP B 58 -26.27 -26.48 -21.39
CA ASP B 58 -27.62 -26.29 -21.97
C ASP B 58 -28.06 -24.83 -21.91
N LYS B 59 -27.85 -24.21 -20.74
CA LYS B 59 -28.24 -22.81 -20.49
C LYS B 59 -27.35 -22.21 -19.39
N SER B 60 -26.65 -21.11 -19.71
CA SER B 60 -25.73 -20.50 -18.77
C SER B 60 -25.52 -18.99 -18.95
N SER B 61 -25.01 -18.36 -17.88
CA SER B 61 -24.62 -16.94 -17.88
C SER B 61 -23.10 -17.00 -18.03
N ARG B 62 -22.52 -16.08 -18.80
CA ARG B 62 -21.09 -16.14 -19.08
C ARG B 62 -20.49 -14.75 -19.12
N LYS B 63 -19.17 -14.68 -19.12
CA LYS B 63 -18.46 -13.40 -19.23
C LYS B 63 -17.48 -13.49 -20.41
N THR B 64 -17.65 -12.63 -21.41
CA THR B 64 -16.76 -12.69 -22.55
C THR B 64 -15.91 -11.42 -22.63
N TYR B 65 -14.61 -11.62 -22.72
CA TYR B 65 -13.68 -10.48 -22.75
C TYR B 65 -12.93 -10.60 -24.05
N THR B 66 -12.59 -9.47 -24.66
CA THR B 66 -11.81 -9.47 -25.89
C THR B 66 -10.45 -8.87 -25.61
N PHE B 67 -9.42 -9.49 -26.18
CA PHE B 67 -8.04 -9.06 -26.02
C PHE B 67 -7.38 -8.94 -27.38
N ASP B 68 -6.13 -8.46 -27.38
CA ASP B 68 -5.37 -8.33 -28.61
C ASP B 68 -5.04 -9.72 -29.21
N MET B 69 -5.10 -10.77 -28.38
CA MET B 69 -4.80 -12.14 -28.83
C MET B 69 -5.21 -13.12 -27.76
N VAL B 70 -5.46 -14.35 -28.16
CA VAL B 70 -5.74 -15.37 -27.19
C VAL B 70 -5.18 -16.70 -27.70
N PHE B 71 -4.56 -17.45 -26.80
CA PHE B 71 -3.92 -18.73 -27.08
C PHE B 71 -4.58 -19.74 -26.18
N GLY B 72 -5.14 -20.80 -26.73
CA GLY B 72 -5.77 -21.82 -25.93
C GLY B 72 -4.80 -22.99 -25.78
N ALA B 73 -5.21 -23.99 -25.01
CA ALA B 73 -4.40 -25.18 -24.69
C ALA B 73 -3.54 -25.61 -25.84
N SER B 74 -4.17 -25.62 -27.01
CA SER B 74 -3.57 -25.97 -28.28
C SER B 74 -2.20 -25.34 -28.62
N THR B 75 -2.06 -24.02 -28.45
CA THR B 75 -0.85 -23.27 -28.85
C THR B 75 0.45 -23.77 -28.25
N LYS B 76 1.51 -23.70 -29.04
CA LYS B 76 2.82 -24.21 -28.67
C LYS B 76 3.75 -23.06 -28.31
N GLN B 77 4.84 -23.37 -27.62
CA GLN B 77 5.80 -22.35 -27.21
C GLN B 77 6.26 -21.51 -28.38
N ILE B 78 6.65 -22.16 -29.46
CA ILE B 78 7.12 -21.46 -30.65
C ILE B 78 6.10 -20.41 -31.17
N ASP B 79 4.80 -20.69 -31.04
CA ASP B 79 3.76 -19.79 -31.49
C ASP B 79 3.64 -18.56 -30.57
N VAL B 80 3.81 -18.76 -29.27
CA VAL B 80 3.72 -17.67 -28.34
C VAL B 80 4.87 -16.74 -28.67
N TYR B 81 6.00 -17.34 -29.03
CA TYR B 81 7.23 -16.60 -29.27
C TYR B 81 7.17 -15.77 -30.55
N ARG B 82 6.76 -16.43 -31.63
CA ARG B 82 6.69 -15.79 -32.93
C ARG B 82 5.66 -14.68 -32.88
N SER B 83 4.51 -14.98 -32.28
CA SER B 83 3.45 -14.01 -32.14
C SER B 83 3.89 -12.82 -31.31
N VAL B 84 4.25 -13.10 -30.06
CA VAL B 84 4.54 -12.03 -29.14
C VAL B 84 5.95 -11.48 -29.13
N VAL B 85 6.90 -12.37 -28.92
CA VAL B 85 8.29 -12.03 -28.74
C VAL B 85 9.03 -11.49 -29.91
N CYS B 86 8.93 -12.18 -31.03
CA CYS B 86 9.64 -11.79 -32.24
C CYS B 86 9.54 -10.28 -32.58
N PRO B 87 8.33 -9.72 -32.54
CA PRO B 87 8.34 -8.28 -32.86
C PRO B 87 8.99 -7.44 -31.76
N ILE B 88 8.68 -7.74 -30.50
CA ILE B 88 9.29 -7.05 -29.36
C ILE B 88 10.84 -7.14 -29.40
N LEU B 89 11.35 -8.29 -29.85
CA LEU B 89 12.80 -8.43 -29.96
C LEU B 89 13.31 -7.61 -31.15
N ASP B 90 12.63 -7.73 -32.29
CA ASP B 90 13.03 -6.97 -33.49
C ASP B 90 13.23 -5.50 -33.11
N GLU B 91 12.32 -5.01 -32.28
CA GLU B 91 12.33 -3.64 -31.83
C GLU B 91 13.44 -3.33 -30.84
N VAL B 92 13.74 -4.26 -29.95
CA VAL B 92 14.80 -4.05 -28.98
C VAL B 92 16.08 -3.91 -29.78
N ILE B 93 16.24 -4.79 -30.78
CA ILE B 93 17.42 -4.72 -31.61
C ILE B 93 17.61 -3.34 -32.26
N MET B 94 16.53 -2.60 -32.44
CA MET B 94 16.64 -1.26 -33.01
C MET B 94 17.07 -0.25 -31.96
N GLY B 95 17.21 -0.69 -30.72
CA GLY B 95 17.65 0.17 -29.65
C GLY B 95 16.57 0.73 -28.74
N TYR B 96 15.49 -0.01 -28.60
CA TYR B 96 14.43 0.38 -27.67
C TYR B 96 14.41 -0.51 -26.41
N ASN B 97 13.72 -0.06 -25.36
CA ASN B 97 13.58 -0.87 -24.17
C ASN B 97 12.22 -1.58 -24.20
N CYS B 98 12.21 -2.87 -23.95
CA CYS B 98 10.92 -3.56 -23.91
C CYS B 98 10.69 -4.30 -22.59
N THR B 99 9.48 -4.72 -22.38
CA THR B 99 9.13 -5.46 -21.16
C THR B 99 7.92 -6.34 -21.45
N ILE B 100 7.96 -7.56 -20.92
CA ILE B 100 6.85 -8.47 -21.07
C ILE B 100 6.61 -8.98 -19.64
N PHE B 101 5.37 -8.92 -19.14
CA PHE B 101 5.01 -9.44 -17.82
C PHE B 101 4.25 -10.75 -18.05
N ALA B 102 4.34 -11.70 -17.13
CA ALA B 102 3.47 -12.91 -17.14
C ALA B 102 2.65 -12.78 -15.88
N TYR B 103 1.34 -12.69 -16.00
CA TYR B 103 0.53 -12.42 -14.84
C TYR B 103 -0.63 -13.39 -14.69
N GLY B 104 -0.80 -13.96 -13.51
CA GLY B 104 -1.91 -14.85 -13.27
C GLY B 104 -1.74 -15.64 -12.00
N GLN B 105 -2.67 -16.55 -11.76
CA GLN B 105 -2.68 -17.33 -10.54
C GLN B 105 -1.60 -18.38 -10.51
N THR B 106 -1.14 -18.71 -9.30
CA THR B 106 -0.17 -19.78 -9.15
C THR B 106 -0.72 -21.05 -9.84
N GLY B 107 0.12 -21.73 -10.61
CA GLY B 107 -0.26 -22.96 -11.31
C GLY B 107 -0.91 -22.78 -12.69
N THR B 108 -0.95 -21.56 -13.19
CA THR B 108 -1.59 -21.31 -14.49
C THR B 108 -0.65 -21.29 -15.70
N GLY B 109 0.68 -21.24 -15.50
CA GLY B 109 1.62 -21.23 -16.59
C GLY B 109 2.52 -19.99 -16.75
N LYS B 110 2.67 -19.17 -15.72
CA LYS B 110 3.49 -17.98 -15.91
C LYS B 110 4.94 -18.40 -16.19
N THR B 111 5.46 -19.37 -15.43
CA THR B 111 6.83 -19.85 -15.61
C THR B 111 6.97 -20.71 -16.87
N PHE B 112 6.01 -21.58 -17.08
CA PHE B 112 5.99 -22.40 -18.30
C PHE B 112 6.17 -21.54 -19.54
N THR B 113 5.53 -20.36 -19.50
CA THR B 113 5.52 -19.38 -20.59
C THR B 113 6.80 -18.60 -20.65
N MET B 114 7.16 -17.93 -19.56
CA MET B 114 8.39 -17.15 -19.55
C MET B 114 9.70 -17.97 -19.63
N GLU B 115 9.73 -19.14 -19.02
CA GLU B 115 10.93 -19.99 -19.07
C GLU B 115 10.69 -21.31 -19.81
N GLY B 116 9.65 -22.03 -19.41
CA GLY B 116 9.37 -23.32 -20.01
C GLY B 116 10.11 -24.47 -19.36
N GLU B 117 10.22 -25.58 -20.07
CA GLU B 117 10.82 -26.78 -19.55
C GLU B 117 11.66 -27.65 -20.52
N ARG B 118 11.96 -28.87 -20.10
CA ARG B 118 12.75 -29.76 -20.93
C ARG B 118 11.87 -30.89 -21.34
N SER B 119 11.91 -31.25 -22.61
CA SER B 119 11.08 -32.34 -23.06
C SER B 119 11.69 -33.54 -22.37
N PRO B 120 10.85 -34.42 -21.83
CA PRO B 120 11.36 -35.56 -21.06
C PRO B 120 12.31 -36.51 -21.80
N ASN B 121 12.95 -37.40 -21.04
CA ASN B 121 13.90 -38.39 -21.56
C ASN B 121 15.05 -37.91 -22.45
N GLU B 122 15.48 -36.69 -22.23
CA GLU B 122 16.60 -36.15 -22.96
C GLU B 122 16.48 -36.23 -24.45
N GLU B 123 15.27 -35.99 -24.97
CA GLU B 123 15.05 -36.07 -26.41
C GLU B 123 15.74 -34.96 -27.13
N TYR B 124 15.84 -33.79 -26.52
CA TYR B 124 16.48 -32.68 -27.25
C TYR B 124 17.52 -31.88 -26.52
N THR B 125 18.11 -30.95 -27.26
CA THR B 125 19.13 -30.03 -26.78
C THR B 125 18.41 -28.75 -26.39
N TRP B 126 19.00 -28.01 -25.47
CA TRP B 126 18.33 -26.84 -24.96
C TRP B 126 17.79 -25.90 -26.03
N GLU B 127 18.56 -25.67 -27.09
CA GLU B 127 18.14 -24.77 -28.17
C GLU B 127 17.20 -25.44 -29.18
N GLU B 128 16.73 -26.64 -28.89
CA GLU B 128 15.84 -27.33 -29.82
C GLU B 128 14.51 -27.71 -29.20
N ASP B 129 14.47 -27.73 -27.87
CA ASP B 129 13.27 -28.11 -27.11
C ASP B 129 12.00 -27.33 -27.48
N PRO B 130 10.96 -28.06 -27.90
CA PRO B 130 9.63 -27.56 -28.25
C PRO B 130 8.97 -26.97 -27.01
N LEU B 131 9.52 -27.30 -25.85
CA LEU B 131 8.96 -26.88 -24.57
C LEU B 131 9.64 -25.65 -24.00
N ALA B 132 10.75 -25.26 -24.61
CA ALA B 132 11.47 -24.08 -24.16
C ALA B 132 10.53 -22.86 -24.27
N GLY B 133 10.67 -21.88 -23.36
CA GLY B 133 9.87 -20.67 -23.27
C GLY B 133 10.58 -19.39 -23.68
N ILE B 134 9.97 -18.26 -23.37
CA ILE B 134 10.46 -16.95 -23.84
C ILE B 134 11.93 -16.65 -23.69
N ILE B 135 12.44 -16.87 -22.48
CA ILE B 135 13.82 -16.59 -22.10
C ILE B 135 14.91 -17.34 -22.92
N PRO B 136 14.82 -18.69 -23.01
CA PRO B 136 15.84 -19.44 -23.76
C PRO B 136 15.80 -19.08 -25.24
N ARG B 137 14.59 -19.09 -25.81
CA ARG B 137 14.35 -18.70 -27.19
C ARG B 137 14.86 -17.28 -27.52
N THR B 138 14.58 -16.33 -26.64
CA THR B 138 15.07 -14.96 -26.88
C THR B 138 16.59 -14.92 -26.92
N LEU B 139 17.24 -15.61 -25.99
CA LEU B 139 18.70 -15.59 -25.92
C LEU B 139 19.33 -16.28 -27.11
N HIS B 140 18.69 -17.30 -27.61
CA HIS B 140 19.21 -17.98 -28.80
C HIS B 140 18.96 -17.11 -30.02
N GLN B 141 17.76 -16.59 -30.17
CA GLN B 141 17.44 -15.77 -31.34
C GLN B 141 18.26 -14.47 -31.42
N ILE B 142 18.90 -14.10 -30.33
CA ILE B 142 19.65 -12.87 -30.36
C ILE B 142 20.87 -13.16 -31.20
N PHE B 143 21.63 -14.16 -30.79
CA PHE B 143 22.83 -14.57 -31.52
C PHE B 143 22.54 -14.93 -33.00
N GLU B 144 21.33 -15.41 -33.28
CA GLU B 144 20.93 -15.78 -34.64
C GLU B 144 20.72 -14.55 -35.53
N LYS B 145 20.08 -13.54 -34.97
CA LYS B 145 19.73 -12.32 -35.71
C LYS B 145 20.93 -11.39 -35.95
N LEU B 146 21.85 -11.34 -35.00
CA LEU B 146 23.02 -10.49 -35.11
C LEU B 146 24.26 -11.29 -35.55
N THR B 147 24.05 -12.50 -36.06
CA THR B 147 25.16 -13.32 -36.55
C THR B 147 26.04 -12.65 -37.62
N ASP B 148 25.46 -12.34 -38.78
CA ASP B 148 26.27 -11.76 -39.86
C ASP B 148 25.64 -10.53 -40.49
N ASN B 149 24.69 -9.94 -39.78
CA ASN B 149 24.06 -8.74 -40.29
C ASN B 149 25.00 -7.52 -40.33
N GLY B 150 26.10 -7.58 -39.58
CA GLY B 150 27.09 -6.52 -39.60
C GLY B 150 27.04 -5.62 -38.39
N THR B 151 26.10 -5.89 -37.51
CA THR B 151 25.99 -5.14 -36.26
C THR B 151 26.94 -5.88 -35.34
N GLU B 152 27.77 -5.12 -34.63
CA GLU B 152 28.72 -5.69 -33.68
C GLU B 152 27.89 -5.67 -32.40
N PHE B 153 28.00 -6.70 -31.55
CA PHE B 153 27.17 -6.73 -30.33
C PHE B 153 27.67 -7.50 -29.10
N SER B 154 26.98 -7.26 -27.98
CA SER B 154 27.27 -7.93 -26.72
C SER B 154 25.98 -8.12 -25.92
N VAL B 155 25.87 -9.26 -25.26
CA VAL B 155 24.75 -9.52 -24.42
C VAL B 155 25.15 -9.72 -22.96
N LYS B 156 24.47 -8.98 -22.08
CA LYS B 156 24.60 -9.12 -20.64
C LYS B 156 23.21 -9.51 -20.09
N VAL B 157 23.11 -10.62 -19.38
CA VAL B 157 21.85 -11.02 -18.75
C VAL B 157 21.96 -10.57 -17.31
N SER B 158 20.87 -10.72 -16.57
CA SER B 158 20.86 -10.33 -15.18
C SER B 158 19.52 -10.78 -14.65
N LEU B 159 19.53 -11.33 -13.44
CA LEU B 159 18.32 -11.89 -12.90
C LEU B 159 18.11 -11.39 -11.50
N LEU B 160 17.20 -10.43 -11.38
CA LEU B 160 16.92 -9.86 -10.08
C LEU B 160 15.53 -10.31 -9.63
N GLU B 161 15.45 -10.77 -8.39
CA GLU B 161 14.22 -11.24 -7.81
C GLU B 161 13.86 -10.55 -6.53
N ILE B 162 12.54 -10.44 -6.32
CA ILE B 162 11.95 -9.79 -5.16
C ILE B 162 11.09 -10.76 -4.37
N TYR B 163 11.35 -10.79 -3.05
CA TYR B 163 10.60 -11.61 -2.13
C TYR B 163 10.45 -10.79 -0.85
N ASN B 164 9.25 -10.36 -0.52
CA ASN B 164 9.05 -9.65 0.73
C ASN B 164 9.75 -8.33 0.76
N GLU B 165 9.57 -7.58 -0.33
CA GLU B 165 10.21 -6.30 -0.55
C GLU B 165 11.72 -6.32 -0.42
N GLU B 166 12.33 -7.46 -0.67
CA GLU B 166 13.77 -7.55 -0.67
C GLU B 166 14.26 -8.03 -2.03
N LEU B 167 15.50 -7.70 -2.37
CA LEU B 167 16.04 -8.08 -3.65
C LEU B 167 17.18 -9.08 -3.53
N PHE B 168 17.20 -10.06 -4.44
CA PHE B 168 18.19 -11.13 -4.52
C PHE B 168 18.71 -11.19 -5.96
N ASP B 169 19.94 -11.68 -6.11
CA ASP B 169 20.59 -11.80 -7.41
C ASP B 169 20.70 -13.29 -7.64
N LEU B 170 19.88 -13.80 -8.56
CA LEU B 170 19.81 -15.25 -8.82
C LEU B 170 20.81 -15.78 -9.80
N LEU B 171 21.67 -14.88 -10.29
CA LEU B 171 22.71 -15.21 -11.25
C LEU B 171 24.13 -15.11 -10.70
N ASN B 172 24.28 -14.55 -9.52
CA ASN B 172 25.59 -14.46 -8.93
C ASN B 172 26.07 -15.85 -8.45
N PRO B 173 27.15 -16.36 -9.05
CA PRO B 173 27.65 -17.67 -8.59
C PRO B 173 28.47 -17.44 -7.34
N SER B 174 29.05 -16.25 -7.26
CA SER B 174 29.87 -15.85 -6.11
C SER B 174 29.10 -15.88 -4.77
N SER B 175 28.14 -14.97 -4.62
CA SER B 175 27.35 -14.86 -3.39
C SER B 175 26.24 -15.90 -3.28
N ASP B 176 25.70 -16.05 -2.08
CA ASP B 176 24.60 -16.98 -1.85
C ASP B 176 23.30 -16.16 -1.78
N VAL B 177 22.17 -16.85 -1.71
CA VAL B 177 20.87 -16.20 -1.72
C VAL B 177 20.43 -15.40 -0.49
N SER B 178 20.89 -15.75 0.69
CA SER B 178 20.47 -15.00 1.88
C SER B 178 21.02 -13.57 1.79
N GLU B 179 21.78 -13.30 0.74
CA GLU B 179 22.37 -11.99 0.54
C GLU B 179 21.49 -11.10 -0.32
N ARG B 180 20.94 -10.08 0.33
CA ARG B 180 20.04 -9.12 -0.28
C ARG B 180 20.78 -7.86 -0.78
N LEU B 181 20.36 -7.32 -1.92
CA LEU B 181 20.98 -6.10 -2.43
C LEU B 181 20.18 -4.88 -1.99
N GLN B 182 20.74 -3.70 -2.22
CA GLN B 182 20.09 -2.43 -1.90
C GLN B 182 19.81 -1.67 -3.20
N MET B 183 18.67 -0.99 -3.22
CA MET B 183 18.16 -0.18 -4.32
C MET B 183 18.28 1.31 -3.95
N PHE B 184 18.78 2.12 -4.90
CA PHE B 184 18.91 3.55 -4.69
C PHE B 184 18.34 4.34 -5.88
N ASP B 185 17.93 5.58 -5.62
CA ASP B 185 17.41 6.45 -6.66
C ASP B 185 18.60 6.84 -7.51
N ASP B 186 18.45 6.81 -8.82
CA ASP B 186 19.57 7.14 -9.68
C ASP B 186 19.71 8.65 -9.88
N PRO B 187 20.73 9.26 -9.25
CA PRO B 187 21.11 10.68 -9.27
C PRO B 187 20.91 11.24 -10.67
N ARG B 188 21.39 10.50 -11.66
CA ARG B 188 21.29 10.90 -13.06
C ARG B 188 19.88 11.18 -13.56
N ASN B 189 19.10 10.12 -13.78
CA ASN B 189 17.71 10.25 -14.25
C ASN B 189 16.81 9.70 -13.16
N LYS B 190 16.12 10.57 -12.41
CA LYS B 190 15.27 10.13 -11.30
C LYS B 190 14.16 9.08 -11.56
N ARG B 191 13.86 8.83 -12.84
CA ARG B 191 12.86 7.80 -13.19
C ARG B 191 13.55 6.42 -13.17
N GLY B 192 14.83 6.43 -12.79
CA GLY B 192 15.71 5.29 -12.72
C GLY B 192 16.11 4.97 -11.31
N VAL B 193 16.65 3.78 -11.13
CA VAL B 193 17.01 3.28 -9.82
C VAL B 193 18.34 2.52 -9.98
N ILE B 194 19.21 2.62 -8.98
CA ILE B 194 20.47 1.89 -8.99
C ILE B 194 20.34 0.77 -7.96
N ILE B 195 20.77 -0.43 -8.34
CA ILE B 195 20.74 -1.56 -7.46
C ILE B 195 22.16 -1.96 -7.19
N LYS B 196 22.55 -1.83 -5.92
CA LYS B 196 23.91 -2.14 -5.57
C LYS B 196 24.20 -3.63 -5.52
N GLY B 197 25.25 -4.03 -6.25
CA GLY B 197 25.72 -5.41 -6.23
C GLY B 197 25.17 -6.41 -7.23
N LEU B 198 24.22 -5.96 -8.04
CA LEU B 198 23.60 -6.84 -9.01
C LEU B 198 24.55 -7.22 -10.14
N GLU B 199 24.84 -8.51 -10.23
CA GLU B 199 25.68 -9.07 -11.27
C GLU B 199 24.99 -9.04 -12.64
N GLU B 200 25.78 -8.71 -13.65
CA GLU B 200 25.39 -8.73 -15.05
C GLU B 200 26.41 -9.67 -15.70
N ILE B 201 25.95 -10.85 -16.07
CA ILE B 201 26.82 -11.84 -16.66
C ILE B 201 26.89 -11.61 -18.18
N THR B 202 28.10 -11.50 -18.72
CA THR B 202 28.23 -11.37 -20.16
C THR B 202 27.98 -12.74 -20.82
N VAL B 203 27.16 -12.75 -21.87
CA VAL B 203 26.88 -13.98 -22.61
C VAL B 203 27.66 -13.82 -23.91
N HIS B 204 28.74 -14.59 -24.04
CA HIS B 204 29.68 -14.51 -25.19
C HIS B 204 29.19 -15.20 -26.46
N ASN B 205 28.36 -16.22 -26.31
CA ASN B 205 27.81 -16.91 -27.46
C ASN B 205 26.61 -17.72 -27.03
N LYS B 206 25.94 -18.34 -28.00
CA LYS B 206 24.77 -19.13 -27.70
C LYS B 206 25.16 -20.42 -27.00
N ASP B 207 26.45 -20.57 -26.73
CA ASP B 207 26.92 -21.75 -26.03
C ASP B 207 27.07 -21.54 -24.52
N GLU B 208 27.16 -20.29 -24.10
CA GLU B 208 27.24 -20.05 -22.66
C GLU B 208 25.86 -19.92 -22.02
N VAL B 209 24.84 -19.59 -22.83
CA VAL B 209 23.49 -19.40 -22.31
C VAL B 209 23.01 -20.50 -21.39
N TYR B 210 23.12 -21.75 -21.82
CA TYR B 210 22.57 -22.81 -21.00
C TYR B 210 23.23 -22.93 -19.64
N GLN B 211 24.56 -22.87 -19.61
CA GLN B 211 25.25 -22.97 -18.35
C GLN B 211 24.81 -21.87 -17.41
N ILE B 212 24.38 -20.74 -17.98
CA ILE B 212 24.00 -19.60 -17.16
C ILE B 212 22.69 -19.85 -16.49
N LEU B 213 21.71 -20.28 -17.28
CA LEU B 213 20.40 -20.62 -16.79
C LEU B 213 20.48 -21.76 -15.75
N GLU B 214 21.34 -22.74 -15.99
CA GLU B 214 21.50 -23.85 -15.03
C GLU B 214 21.93 -23.32 -13.66
N LYS B 215 22.88 -22.41 -13.69
CA LYS B 215 23.35 -21.75 -12.50
C LYS B 215 22.23 -21.06 -11.72
N GLY B 216 21.39 -20.26 -12.40
CA GLY B 216 20.31 -19.55 -11.76
C GLY B 216 19.23 -20.50 -11.31
N ALA B 217 18.99 -21.57 -12.07
CA ALA B 217 18.02 -22.58 -11.68
C ALA B 217 18.42 -23.22 -10.34
N ALA B 218 19.72 -23.39 -10.13
CA ALA B 218 20.22 -23.91 -8.88
C ALA B 218 20.06 -22.93 -7.73
N LYS B 219 20.41 -21.66 -7.94
CA LYS B 219 20.28 -20.68 -6.85
C LYS B 219 18.83 -20.57 -6.44
N ARG B 220 17.93 -20.91 -7.34
CA ARG B 220 16.53 -20.79 -7.00
C ARG B 220 16.06 -21.94 -6.12
N THR B 221 16.67 -23.09 -6.33
CA THR B 221 16.40 -24.28 -5.52
C THR B 221 16.78 -24.03 -4.07
N THR B 222 17.85 -23.24 -3.84
CA THR B 222 18.30 -22.94 -2.51
C THR B 222 17.47 -21.82 -1.92
N ALA B 223 17.00 -20.91 -2.77
CA ALA B 223 16.20 -19.77 -2.32
C ALA B 223 14.94 -20.39 -1.81
N ALA B 224 14.32 -21.27 -2.62
CA ALA B 224 13.11 -21.99 -2.13
C ALA B 224 13.35 -22.68 -0.78
N THR B 225 14.56 -23.18 -0.58
CA THR B 225 14.89 -23.80 0.70
C THR B 225 14.73 -22.83 1.86
N LEU B 226 15.33 -21.64 1.71
CA LEU B 226 15.31 -20.60 2.74
C LEU B 226 13.99 -19.86 2.92
N MET B 227 13.41 -19.46 1.81
CA MET B 227 12.20 -18.62 1.82
C MET B 227 10.96 -19.43 1.51
N ASN B 228 9.97 -19.35 2.41
CA ASN B 228 8.69 -20.04 2.33
C ASN B 228 7.94 -19.68 1.03
N ALA B 229 7.40 -20.67 0.33
CA ALA B 229 6.74 -20.49 -0.97
C ALA B 229 7.46 -19.53 -1.88
N TYR B 230 8.78 -19.61 -1.96
CA TYR B 230 9.54 -18.69 -2.84
C TYR B 230 9.06 -18.57 -4.28
N SER B 231 8.85 -19.72 -4.92
CA SER B 231 8.53 -19.71 -6.34
C SER B 231 7.20 -19.07 -6.68
N SER B 232 6.26 -19.13 -5.74
CA SER B 232 4.95 -18.59 -5.97
C SER B 232 4.78 -17.17 -5.41
N ARG B 233 5.66 -16.80 -4.49
CA ARG B 233 5.59 -15.48 -3.82
C ARG B 233 6.58 -14.42 -4.26
N SER B 234 7.45 -14.78 -5.18
CA SER B 234 8.46 -13.85 -5.63
C SER B 234 8.29 -13.44 -7.07
N HIS B 235 8.64 -12.18 -7.34
CA HIS B 235 8.67 -11.65 -8.71
C HIS B 235 10.10 -11.81 -9.21
N SER B 236 10.25 -12.06 -10.49
CA SER B 236 11.59 -12.28 -10.97
C SER B 236 11.75 -11.48 -12.23
N VAL B 237 12.81 -10.70 -12.29
CA VAL B 237 13.07 -9.82 -13.44
C VAL B 237 14.32 -10.26 -14.18
N PHE B 238 14.14 -10.85 -15.35
CA PHE B 238 15.25 -11.29 -16.15
C PHE B 238 15.53 -10.19 -17.17
N SER B 239 16.73 -9.66 -17.19
CA SER B 239 16.97 -8.64 -18.19
C SER B 239 18.13 -8.95 -19.14
N VAL B 240 17.96 -8.59 -20.40
CA VAL B 240 19.04 -8.76 -21.33
C VAL B 240 19.36 -7.51 -22.10
N THR B 241 20.57 -7.01 -21.86
CA THR B 241 21.05 -5.79 -22.47
C THR B 241 21.91 -6.07 -23.69
N ILE B 242 21.54 -5.44 -24.80
CA ILE B 242 22.30 -5.61 -26.03
C ILE B 242 22.95 -4.31 -26.44
N HIS B 243 24.27 -4.22 -26.26
CA HIS B 243 25.01 -3.05 -26.71
C HIS B 243 25.37 -3.38 -28.16
N MET B 244 24.89 -2.54 -29.08
CA MET B 244 25.13 -2.78 -30.51
C MET B 244 25.86 -1.63 -31.23
N LYS B 245 26.83 -2.01 -32.07
CA LYS B 245 27.58 -1.02 -32.82
C LYS B 245 27.69 -1.35 -34.31
N GLU B 246 27.16 -0.47 -35.15
CA GLU B 246 27.30 -0.64 -36.61
C GLU B 246 28.17 0.49 -37.17
N THR B 247 28.78 0.23 -38.30
CA THR B 247 29.72 1.18 -38.94
C THR B 247 29.21 1.40 -40.36
N THR B 248 28.98 2.66 -40.72
CA THR B 248 28.49 2.97 -42.05
C THR B 248 29.56 2.73 -43.11
N ILE B 249 29.18 2.87 -44.36
CA ILE B 249 30.17 2.68 -45.43
C ILE B 249 31.30 3.71 -45.30
N ASP B 250 30.97 4.83 -44.65
CA ASP B 250 31.87 5.96 -44.40
C ASP B 250 32.72 5.77 -43.13
N GLY B 251 32.74 4.56 -42.60
CA GLY B 251 33.49 4.30 -41.38
C GLY B 251 32.84 4.86 -40.12
N GLU B 252 31.86 5.75 -40.28
CA GLU B 252 31.17 6.30 -39.11
C GLU B 252 30.61 5.14 -38.32
N GLU B 253 30.35 5.38 -37.04
CA GLU B 253 29.83 4.36 -36.16
C GLU B 253 28.52 4.70 -35.46
N LEU B 254 27.64 3.71 -35.41
CA LEU B 254 26.32 3.86 -34.81
C LEU B 254 26.15 2.86 -33.66
N VAL B 255 26.03 3.41 -32.45
CA VAL B 255 25.88 2.60 -31.22
C VAL B 255 24.45 2.59 -30.69
N LYS B 256 23.91 1.39 -30.53
CA LYS B 256 22.56 1.22 -30.00
C LYS B 256 22.64 0.50 -28.66
N ILE B 257 21.52 0.50 -27.94
CA ILE B 257 21.40 -0.20 -26.68
C ILE B 257 19.96 -0.62 -26.60
N GLY B 258 19.75 -1.93 -26.51
CA GLY B 258 18.40 -2.46 -26.38
C GLY B 258 18.35 -3.18 -25.05
N LYS B 259 17.23 -3.10 -24.33
CA LYS B 259 17.09 -3.77 -23.04
C LYS B 259 15.77 -4.46 -22.90
N LEU B 260 15.82 -5.76 -22.60
CA LEU B 260 14.60 -6.54 -22.52
C LEU B 260 14.36 -7.11 -21.12
N ASN B 261 13.18 -6.82 -20.56
CA ASN B 261 12.82 -7.31 -19.22
C ASN B 261 11.76 -8.35 -19.31
N LEU B 262 12.09 -9.57 -18.92
CA LEU B 262 11.11 -10.65 -18.86
C LEU B 262 10.70 -10.88 -17.38
N VAL B 263 9.54 -10.32 -17.05
CA VAL B 263 8.97 -10.32 -15.71
C VAL B 263 7.98 -11.43 -15.42
N ASP B 264 8.40 -12.37 -14.58
CA ASP B 264 7.57 -13.49 -14.14
C ASP B 264 7.00 -13.07 -12.76
N LEU B 265 5.79 -12.54 -12.73
CA LEU B 265 5.19 -11.96 -11.52
C LEU B 265 4.81 -12.95 -10.43
N ALA B 266 4.79 -12.50 -9.18
CA ALA B 266 4.33 -13.32 -8.08
C ALA B 266 2.88 -13.79 -8.40
N GLY B 267 2.48 -14.90 -7.79
CA GLY B 267 1.15 -15.48 -8.01
C GLY B 267 0.09 -14.46 -7.68
N SER B 268 -0.71 -14.13 -8.66
CA SER B 268 -1.77 -13.13 -8.48
C SER B 268 -2.81 -13.43 -7.40
N GLU B 269 -3.00 -14.68 -7.03
CA GLU B 269 -4.00 -14.98 -5.99
C GLU B 269 -3.78 -14.27 -4.63
N ASN B 270 -4.87 -13.72 -4.11
CA ASN B 270 -4.86 -12.97 -2.85
C ASN B 270 -6.27 -12.75 -2.26
N ASN B 286 0.72 -12.20 5.57
CA ASN B 286 1.62 -12.14 4.42
C ASN B 286 0.99 -11.55 3.13
N ILE B 287 1.36 -10.30 2.82
CA ILE B 287 0.86 -9.55 1.66
C ILE B 287 2.00 -9.24 0.66
N ASN B 288 1.62 -8.84 -0.54
CA ASN B 288 2.61 -8.54 -1.58
C ASN B 288 2.60 -7.05 -1.97
N GLN B 289 3.29 -6.23 -1.19
CA GLN B 289 3.42 -4.79 -1.46
C GLN B 289 3.67 -4.51 -2.94
N SER B 290 4.45 -5.37 -3.58
CA SER B 290 4.80 -5.16 -4.99
C SER B 290 3.62 -5.55 -5.90
N LEU B 291 3.00 -6.69 -5.64
CA LEU B 291 1.83 -7.12 -6.41
C LEU B 291 0.73 -6.08 -6.18
N LEU B 292 0.33 -5.92 -4.93
CA LEU B 292 -0.64 -4.89 -4.52
C LEU B 292 -0.40 -3.57 -5.26
N THR B 293 0.82 -3.05 -5.17
CA THR B 293 1.14 -1.80 -5.83
C THR B 293 0.98 -1.82 -7.32
N LEU B 294 1.54 -2.83 -8.00
CA LEU B 294 1.34 -2.88 -9.46
C LEU B 294 -0.15 -2.69 -9.86
N GLY B 295 -1.09 -3.33 -9.16
CA GLY B 295 -2.52 -3.17 -9.39
C GLY B 295 -3.01 -1.74 -9.20
N ARG B 296 -2.53 -1.07 -8.16
CA ARG B 296 -2.89 0.34 -7.89
C ARG B 296 -2.26 1.26 -8.91
N VAL B 297 -1.11 0.85 -9.44
CA VAL B 297 -0.43 1.66 -10.45
C VAL B 297 -1.28 1.54 -11.73
N ILE B 298 -1.63 0.34 -12.16
CA ILE B 298 -2.45 0.18 -13.36
C ILE B 298 -3.77 0.98 -13.23
N THR B 299 -4.39 0.90 -12.05
CA THR B 299 -5.65 1.58 -11.82
C THR B 299 -5.47 3.08 -11.95
N ALA B 300 -4.42 3.60 -11.33
CA ALA B 300 -4.12 5.02 -11.36
C ALA B 300 -3.92 5.47 -12.81
N LEU B 301 -3.32 4.61 -13.62
CA LEU B 301 -3.05 4.88 -15.05
C LEU B 301 -4.30 4.90 -15.90
N VAL B 302 -5.11 3.86 -15.78
CA VAL B 302 -6.33 3.68 -16.58
C VAL B 302 -7.34 4.79 -16.27
N GLU B 303 -7.31 5.27 -15.04
CA GLU B 303 -8.23 6.28 -14.56
C GLU B 303 -7.58 7.63 -14.71
N ARG B 304 -6.49 7.64 -15.47
CA ARG B 304 -5.71 8.84 -15.72
C ARG B 304 -5.62 9.73 -14.51
N THR B 305 -5.22 9.13 -13.39
CA THR B 305 -5.05 9.87 -12.15
C THR B 305 -3.68 10.52 -12.23
N PRO B 306 -3.54 11.72 -11.64
CA PRO B 306 -2.28 12.48 -11.77
C PRO B 306 -1.18 11.92 -10.88
N HIS B 307 -1.54 10.97 -10.04
CA HIS B 307 -0.57 10.35 -9.16
C HIS B 307 -0.61 8.81 -9.33
N VAL B 308 0.54 8.26 -9.73
CA VAL B 308 0.75 6.83 -9.95
C VAL B 308 1.72 6.36 -8.87
N PRO B 309 1.24 5.60 -7.87
CA PRO B 309 2.08 5.18 -6.73
C PRO B 309 3.30 4.28 -7.02
N TYR B 310 4.06 4.63 -8.06
CA TYR B 310 5.31 3.90 -8.42
C TYR B 310 6.24 3.62 -7.28
N ARG B 311 6.38 4.57 -6.40
CA ARG B 311 7.38 4.52 -5.32
C ARG B 311 7.03 3.65 -4.15
N GLU B 312 5.79 3.17 -4.11
CA GLU B 312 5.33 2.35 -2.99
C GLU B 312 5.73 0.86 -2.99
N SER B 313 6.61 0.44 -3.92
CA SER B 313 7.09 -0.95 -4.03
C SER B 313 8.35 -1.02 -4.90
N LYS B 314 9.24 -1.96 -4.60
CA LYS B 314 10.45 -2.13 -5.38
C LYS B 314 10.03 -2.42 -6.79
N LEU B 315 9.15 -3.40 -6.96
CA LEU B 315 8.69 -3.78 -8.29
C LEU B 315 8.41 -2.62 -9.23
N THR B 316 7.48 -1.77 -8.82
CA THR B 316 7.03 -0.64 -9.63
C THR B 316 8.02 0.51 -9.69
N ARG B 317 8.97 0.51 -8.77
CA ARG B 317 10.01 1.52 -8.76
C ARG B 317 10.97 1.08 -9.87
N ILE B 318 11.41 -0.15 -9.78
CA ILE B 318 12.30 -0.77 -10.77
C ILE B 318 11.77 -0.69 -12.20
N LEU B 319 10.50 -0.99 -12.42
CA LEU B 319 9.90 -1.00 -13.76
C LEU B 319 8.90 0.12 -14.04
N GLN B 320 9.06 1.29 -13.44
CA GLN B 320 8.11 2.38 -13.69
C GLN B 320 7.98 2.79 -15.14
N ASP B 321 9.09 2.75 -15.85
CA ASP B 321 9.08 3.14 -17.24
C ASP B 321 8.31 2.11 -18.09
N SER B 322 7.94 0.99 -17.49
CA SER B 322 7.19 -0.04 -18.22
C SER B 322 5.67 0.15 -18.16
N LEU B 323 5.25 1.14 -17.37
CA LEU B 323 3.84 1.45 -17.16
C LEU B 323 3.59 2.96 -17.27
N GLY B 324 3.15 3.39 -18.46
CA GLY B 324 2.92 4.78 -18.77
C GLY B 324 4.21 5.54 -19.05
N GLY B 325 5.26 4.80 -19.41
CA GLY B 325 6.56 5.37 -19.71
C GLY B 325 6.95 5.29 -21.18
N ARG B 326 8.25 5.28 -21.44
CA ARG B 326 8.74 5.23 -22.82
C ARG B 326 9.26 3.84 -23.21
N THR B 327 8.70 2.79 -22.59
CA THR B 327 9.09 1.39 -22.81
C THR B 327 7.89 0.62 -23.41
N ARG B 328 8.14 -0.28 -24.36
CA ARG B 328 7.10 -1.08 -25.02
C ARG B 328 6.77 -2.22 -24.07
N THR B 329 5.50 -2.40 -23.76
CA THR B 329 5.11 -3.40 -22.78
C THR B 329 4.02 -4.29 -23.31
N SER B 330 4.11 -5.57 -22.94
CA SER B 330 3.12 -6.58 -23.27
C SER B 330 2.89 -7.29 -21.96
N ILE B 331 1.68 -7.78 -21.76
CA ILE B 331 1.36 -8.56 -20.59
C ILE B 331 0.67 -9.79 -21.10
N ILE B 332 1.14 -10.94 -20.65
CA ILE B 332 0.53 -12.21 -20.98
C ILE B 332 -0.23 -12.65 -19.74
N ALA B 333 -1.56 -12.75 -19.87
CA ALA B 333 -2.36 -13.18 -18.73
C ALA B 333 -2.58 -14.65 -18.86
N THR B 334 -2.22 -15.37 -17.82
CA THR B 334 -2.34 -16.82 -17.82
C THR B 334 -3.52 -17.24 -16.95
N ILE B 335 -4.32 -18.19 -17.42
CA ILE B 335 -5.50 -18.64 -16.65
C ILE B 335 -5.62 -20.15 -16.63
N SER B 336 -6.56 -20.65 -15.83
CA SER B 336 -6.83 -22.08 -15.77
C SER B 336 -8.28 -22.33 -16.27
N PRO B 337 -8.49 -23.44 -17.02
CA PRO B 337 -9.83 -23.75 -17.54
C PRO B 337 -10.65 -24.51 -16.52
N ALA B 338 -10.18 -24.53 -15.27
CA ALA B 338 -10.83 -25.29 -14.19
C ALA B 338 -11.87 -24.49 -13.39
N SER B 339 -13.02 -25.11 -13.17
CA SER B 339 -14.17 -24.51 -12.49
C SER B 339 -13.90 -24.15 -11.03
N LEU B 340 -12.91 -24.78 -10.44
CA LEU B 340 -12.63 -24.54 -9.05
C LEU B 340 -11.75 -23.34 -8.85
N ASN B 341 -11.34 -22.81 -10.00
CA ASN B 341 -10.48 -21.63 -10.08
C ASN B 341 -11.27 -20.51 -10.71
N LEU B 342 -12.60 -20.58 -10.62
CA LEU B 342 -13.46 -19.60 -11.29
C LEU B 342 -13.22 -18.18 -10.85
N GLU B 343 -13.44 -17.94 -9.58
CA GLU B 343 -13.25 -16.60 -9.05
C GLU B 343 -11.90 -15.97 -9.46
N GLU B 344 -10.80 -16.71 -9.32
CA GLU B 344 -9.49 -16.17 -9.63
C GLU B 344 -9.31 -15.87 -11.12
N THR B 345 -9.95 -16.69 -11.95
CA THR B 345 -9.87 -16.51 -13.40
C THR B 345 -10.51 -15.17 -13.84
N LEU B 346 -11.70 -14.89 -13.32
CA LEU B 346 -12.37 -13.62 -13.60
C LEU B 346 -11.50 -12.47 -13.06
N SER B 347 -10.92 -12.69 -11.89
CA SER B 347 -10.04 -11.73 -11.27
C SER B 347 -8.94 -11.32 -12.22
N THR B 348 -8.31 -12.32 -12.84
CA THR B 348 -7.22 -12.12 -13.82
C THR B 348 -7.74 -11.51 -15.14
N LEU B 349 -8.83 -12.06 -15.62
CA LEU B 349 -9.42 -11.59 -16.86
C LEU B 349 -9.72 -10.09 -16.74
N GLU B 350 -10.46 -9.72 -15.69
CA GLU B 350 -10.85 -8.35 -15.36
C GLU B 350 -9.64 -7.46 -15.18
N TYR B 351 -8.59 -8.00 -14.59
CA TYR B 351 -7.36 -7.21 -14.39
C TYR B 351 -6.59 -7.03 -15.70
N ALA B 352 -6.47 -8.09 -16.50
CA ALA B 352 -5.76 -8.03 -17.78
C ALA B 352 -6.44 -7.04 -18.70
N HIS B 353 -7.76 -7.09 -18.65
CA HIS B 353 -8.63 -6.26 -19.45
C HIS B 353 -8.49 -4.74 -19.23
N ARG B 354 -8.54 -4.29 -17.98
CA ARG B 354 -8.38 -2.85 -17.72
C ARG B 354 -6.96 -2.44 -18.13
N ALA B 355 -6.03 -3.39 -18.04
CA ALA B 355 -4.65 -3.10 -18.38
C ALA B 355 -4.56 -2.64 -19.84
N LYS B 356 -5.50 -3.04 -20.69
CA LYS B 356 -5.51 -2.61 -22.12
C LYS B 356 -5.45 -1.07 -22.26
N ASN B 357 -6.19 -0.40 -21.38
CA ASN B 357 -6.26 1.05 -21.33
C ASN B 357 -5.00 1.86 -21.07
N ILE B 358 -3.96 1.18 -20.59
CA ILE B 358 -2.70 1.86 -20.35
C ILE B 358 -2.13 2.32 -21.68
N LEU B 359 -1.53 3.52 -21.67
CA LEU B 359 -0.91 4.15 -22.84
C LEU B 359 0.56 4.48 -22.54
N ASN B 360 1.46 3.82 -23.25
CA ASN B 360 2.90 4.01 -23.07
C ASN B 360 3.48 4.94 -24.13
N LYS B 361 4.76 5.29 -23.98
CA LYS B 361 5.48 6.15 -24.93
C LYS B 361 4.87 7.53 -25.21
MG MG C . 1.33 17.79 15.49
PB ADP D . -0.97 20.11 13.58
O1B ADP D . 0.30 20.42 12.89
O2B ADP D . -2.11 19.69 12.67
O3B ADP D . -0.71 19.17 14.73
PA ADP D . -0.85 22.15 15.53
O1A ADP D . -1.62 21.63 16.70
O2A ADP D . 0.64 21.87 15.67
O3A ADP D . -1.42 21.43 14.27
O5' ADP D . -1.13 23.73 15.44
C5' ADP D . -0.44 24.50 14.50
C4' ADP D . -0.34 25.84 15.08
O4' ADP D . -1.59 26.57 14.93
C3' ADP D . 0.07 26.00 16.55
O3' ADP D . 0.72 27.35 16.55
C2' ADP D . -1.24 26.05 17.37
O2' ADP D . -1.08 27.13 18.27
C1' ADP D . -2.19 26.68 16.34
N9 ADP D . -3.61 26.44 16.38
C8 ADP D . -4.18 25.36 15.82
N7 ADP D . -5.52 25.37 15.95
C5 ADP D . -5.80 26.58 16.65
C6 ADP D . -7.06 27.15 17.09
N6 ADP D . -8.24 26.49 16.90
N1 ADP D . -7.03 28.39 17.73
C2 ADP D . -5.78 28.96 17.92
N3 ADP D . -4.56 28.47 17.54
C4 ADP D . -4.64 27.27 16.91
C1 MKR E . 1.97 13.73 25.96
C2 MKR E . 2.31 15.07 26.38
C3 MKR E . 1.19 15.97 26.43
C4 MKR E . -0.11 15.54 26.06
C5 MKR E . -0.42 14.27 25.66
C6 MKR E . 0.66 13.35 25.58
N2 MKR E . 1.29 17.35 26.79
N12 MKR E . 2.10 17.80 27.65
C8 MKR E . 1.93 19.05 28.06
C14 MKR E . 0.67 19.61 27.27
C15 MKR E . 0.36 18.39 26.35
C18 MKR E . -0.40 20.11 28.25
C20 MKR E . 2.83 19.73 29.10
C9 MKR E . 3.72 18.85 29.90
O25 MKR E . 2.85 20.96 29.24
C26 MKR E . -0.59 19.33 29.43
C27 MKR E . -1.53 19.61 30.46
C28 MKR E . -2.27 20.78 30.25
C29 MKR E . -2.13 21.61 29.09
C30 MKR E . -1.16 21.25 28.07
O1 MKR E . -1.15 16.43 26.06
F1 MKR E . 2.87 12.77 25.93
C7 MKR E . -0.99 17.74 26.56
C10 MKR E . 1.23 20.78 26.46
C11 MKR E . 1.86 20.59 25.09
C12 MKR E . 3.18 21.44 24.98
N3 MKR E . 3.91 21.28 23.69
C16 MKR E . 5.22 20.64 23.74
C17 MKR E . 3.57 21.97 22.45
C19 MKR E . 6.17 21.87 23.86
C21 MKR E . 4.45 23.26 22.36
N1 MKR E . 5.88 22.96 22.80
C22 MKR E . 6.96 23.63 22.31
C24 MKR E . 6.65 24.22 20.90
O2 MKR E . 8.01 23.67 22.95
MG MG F . 6.54 -19.73 -11.16
PB ADP G . 3.02 -20.76 -12.51
O1B ADP G . 2.28 -21.32 -11.37
O2B ADP G . 2.27 -19.54 -12.83
O3B ADP G . 4.50 -20.59 -12.17
PA ADP G . 3.70 -22.96 -14.11
O1A ADP G . 4.65 -22.84 -15.30
O2A ADP G . 4.46 -23.37 -12.87
O3A ADP G . 2.83 -21.77 -13.66
O5' ADP G . 2.67 -24.05 -14.58
C5' ADP G . 2.27 -25.08 -13.63
C4' ADP G . 2.17 -26.40 -14.31
O4' ADP G . 1.29 -26.29 -15.39
C3' ADP G . 3.44 -26.98 -14.88
O3' ADP G . 3.37 -28.42 -14.85
C2' ADP G . 3.47 -26.52 -16.33
O2' ADP G . 4.12 -27.53 -17.07
C1' ADP G . 2.02 -26.66 -16.65
N9 ADP G . 1.54 -25.84 -17.70
C8 ADP G . 1.17 -24.52 -17.62
N7 ADP G . 0.71 -24.02 -18.77
C5 ADP G . 0.80 -25.06 -19.64
C6 ADP G . 0.51 -25.15 -21.03
N6 ADP G . 0.01 -24.08 -21.78
N1 ADP G . 0.74 -26.40 -21.61
C2 ADP G . 1.25 -27.42 -20.88
N3 ADP G . 1.55 -27.49 -19.57
C4 ADP G . 1.32 -26.25 -19.00
C1 MKR H . 16.75 -19.14 -15.13
C2 MKR H . 16.68 -20.54 -15.33
C3 MKR H . 15.80 -20.94 -16.39
C4 MKR H . 15.13 -19.96 -17.14
C5 MKR H . 15.20 -18.56 -16.92
C6 MKR H . 16.03 -18.14 -15.87
N2 MKR H . 15.59 -22.29 -16.79
N12 MKR H . 16.45 -23.17 -16.67
C8 MKR H . 16.30 -24.28 -17.40
C14 MKR H . 14.91 -24.07 -18.24
C15 MKR H . 14.58 -22.66 -17.67
C18 MKR H . 15.11 -24.24 -19.82
C20 MKR H . 17.24 -25.49 -17.37
C9 MKR H . 18.60 -25.52 -16.58
O25 MKR H . 16.76 -26.49 -17.88
C26 MKR H . 16.36 -23.74 -20.36
C27 MKR H . 16.73 -23.76 -21.79
C28 MKR H . 15.74 -24.40 -22.63
C29 MKR H . 14.53 -24.96 -22.09
C30 MKR H . 14.25 -24.85 -20.69
O1 MKR H . 14.36 -20.35 -18.20
F1 MKR H . 17.51 -18.63 -14.22
C7 MKR H . 14.80 -21.57 -18.71
C10 MKR H . 13.80 -25.01 -17.65
C11 MKR H . 13.76 -25.13 -16.14
C12 MKR H . 13.18 -26.39 -15.47
N3 MKR H . 12.45 -26.01 -14.19
C16 MKR H . 13.38 -26.24 -13.03
C17 MKR H . 11.05 -26.24 -13.91
C19 MKR H . 13.58 -27.78 -13.03
C21 MKR H . 10.99 -27.80 -13.66
N1 MKR H . 12.14 -28.33 -12.80
C22 MKR H . 11.95 -29.29 -11.77
C24 MKR H . 10.41 -29.42 -11.49
O2 MKR H . 12.89 -29.87 -11.19
#